data_2WNV
#
_entry.id   2WNV
#
_cell.length_a   48.350
_cell.length_b   48.330
_cell.length_c   88.060
_cell.angle_alpha   92.39
_cell.angle_beta   92.60
_cell.angle_gamma   113.57
#
_symmetry.space_group_name_H-M   'P 1'
#
loop_
_entity.id
_entity.type
_entity.pdbx_description
1 polymer 'COMPLEMENT C1Q SUBCOMPONENT SUBUNIT A'
2 polymer 'COMPLEMENT C1Q SUBCOMPONENT SUBUNIT B'
3 polymer 'COMPLEMENT C1Q SUBCOMPONENT SUBUNIT C'
4 non-polymer 2-acetamido-2-deoxy-beta-D-glucopyranose
5 non-polymer 'CALCIUM ION'
6 non-polymer 2-deoxy-beta-D-erythro-pentofuranose
7 water water
#
loop_
_entity_poly.entity_id
_entity_poly.type
_entity_poly.pdbx_seq_one_letter_code
_entity_poly.pdbx_strand_id
1 'polypeptide(L)'
;QPRPAFSAIRRNPPMGGNVVIFDTVITNQEEPYQNHSGRFVCTVPGYYYFTFQVLSQWEICLSIVSSSRGQVRRSLGFCD
TTNKGLFQVVSGGMVLQLQQGDQVWVEKDPKKGHIYQGSEADSVFSGFLIFPSA
;
A,D
2 'polypeptide(L)'
;ATQKIAFSATRTINVPLRRDQTIRFDHVITNMNNNYEPRSGKFTCKVPGLYYFTYHASSRGNLCVNLMRGRERAQKVVTF
CDYAYNTFQVTTGGMVLKLEQGENVFLQATDKNSLLGMEGANSIFSGFLLFPDMEA
;
B,E
3 'polypeptide(L)'
;KQKFQSVFTVTRQTHQPPAPNSLIRFNAVLTNPQGDYDTSTGKFTCKVPGLYYFVYHASHTANLCVLLYRSGVKVVTFCG
HTSKTNQVNSGGVLLRLQVGEEVWLAVNDYYDMVGIQGSDSVFSGFLLFPD
;
C,F
#
loop_
_chem_comp.id
_chem_comp.type
_chem_comp.name
_chem_comp.formula
2DR D-saccharide, beta linking 2-deoxy-beta-D-erythro-pentofuranose 'C5 H10 O4'
CA non-polymer 'CALCIUM ION' 'Ca 2'
NAG D-saccharide, beta linking 2-acetamido-2-deoxy-beta-D-glucopyranose 'C8 H15 N O6'
#
# COMPACT_ATOMS: atom_id res chain seq x y z
N GLN A 1 28.21 20.69 9.15
CA GLN A 1 27.27 19.58 9.47
C GLN A 1 25.81 20.03 9.29
N PRO A 2 25.08 19.37 8.37
CA PRO A 2 23.72 19.79 8.04
C PRO A 2 22.75 19.58 9.20
N ARG A 3 21.87 20.55 9.40
CA ARG A 3 20.83 20.44 10.42
C ARG A 3 19.44 20.81 9.89
N PRO A 4 18.99 20.18 8.79
CA PRO A 4 17.73 20.62 8.18
C PRO A 4 16.52 20.17 8.99
N ALA A 5 15.73 21.14 9.44
CA ALA A 5 14.55 20.88 10.27
C ALA A 5 13.66 22.11 10.28
N PHE A 6 12.35 21.90 10.19
CA PHE A 6 11.41 23.02 10.17
C PHE A 6 10.09 22.68 10.81
N SER A 7 9.41 23.72 11.27
CA SER A 7 7.99 23.69 11.57
C SER A 7 7.39 25.01 11.13
N ALA A 8 6.23 24.94 10.49
CA ALA A 8 5.50 26.13 10.07
C ALA A 8 4.02 25.96 10.35
N ILE A 9 3.36 27.08 10.62
CA ILE A 9 1.95 27.09 10.99
C ILE A 9 1.12 28.01 10.09
N ARG A 10 -0.19 27.97 10.26
CA ARG A 10 -1.11 28.84 9.50
C ARG A 10 -1.48 30.07 10.32
N ARG A 11 -1.33 31.25 9.75
CA ARG A 11 -1.78 32.48 10.39
CA ARG A 11 -1.76 32.49 10.39
C ARG A 11 -2.47 33.39 9.39
N ASN A 12 -1.72 33.83 8.38
N ASN A 12 -1.73 33.82 8.36
CA ASN A 12 -2.30 34.58 7.26
CA ASN A 12 -2.29 34.58 7.25
C ASN A 12 -1.94 33.90 5.93
C ASN A 12 -1.95 33.90 5.92
N PRO A 13 -2.52 32.71 5.67
CA PRO A 13 -2.14 31.93 4.50
C PRO A 13 -2.80 32.42 3.21
N PRO A 14 -2.04 32.43 2.10
CA PRO A 14 -2.62 32.68 0.79
C PRO A 14 -3.12 31.39 0.12
N GLY A 17 -5.78 27.19 -4.92
CA GLY A 17 -5.02 25.99 -5.25
C GLY A 17 -5.10 24.92 -4.17
N ASN A 18 -4.50 23.78 -4.43
CA ASN A 18 -4.63 22.63 -3.53
C ASN A 18 -3.43 22.40 -2.63
N VAL A 19 -2.36 23.15 -2.83
CA VAL A 19 -1.23 23.13 -1.91
C VAL A 19 -1.59 23.91 -0.64
N VAL A 20 -1.38 23.28 0.51
CA VAL A 20 -1.66 23.92 1.79
C VAL A 20 -0.41 24.71 2.20
N ILE A 21 -0.54 26.03 2.21
CA ILE A 21 0.59 26.90 2.57
C ILE A 21 0.58 27.17 4.08
N PHE A 22 1.68 26.84 4.74
CA PHE A 22 1.87 27.19 6.15
C PHE A 22 2.78 28.41 6.16
N ASP A 23 2.15 29.58 6.32
CA ASP A 23 2.80 30.86 6.05
C ASP A 23 3.72 31.38 7.14
N THR A 24 3.54 30.92 8.38
CA THR A 24 4.28 31.45 9.51
C THR A 24 5.30 30.43 10.01
N VAL A 25 6.58 30.79 9.89
CA VAL A 25 7.68 29.91 10.26
C VAL A 25 7.93 29.97 11.77
N ILE A 26 7.99 28.80 12.40
CA ILE A 26 8.42 28.69 13.80
C ILE A 26 9.92 28.36 13.84
N THR A 27 10.33 27.38 13.06
CA THR A 27 11.71 26.94 12.98
C THR A 27 12.00 26.57 11.53
N ASN A 28 13.19 26.91 11.04
CA ASN A 28 13.56 26.63 9.65
C ASN A 28 15.07 26.58 9.50
N GLN A 29 15.70 25.66 10.23
CA GLN A 29 17.15 25.52 10.20
C GLN A 29 17.62 25.05 8.83
N GLU A 30 18.57 25.80 8.27
N GLU A 30 18.58 25.80 8.28
CA GLU A 30 19.07 25.66 6.90
CA GLU A 30 19.08 25.64 6.90
C GLU A 30 18.11 26.20 5.86
C GLU A 30 18.10 26.21 5.85
N GLU A 31 17.00 26.78 6.32
CA GLU A 31 15.95 27.38 5.45
C GLU A 31 15.43 26.50 4.29
N PRO A 32 15.21 25.19 4.54
CA PRO A 32 14.72 24.35 3.44
C PRO A 32 13.25 24.61 3.11
N TYR A 33 12.49 25.14 4.06
CA TYR A 33 11.06 25.34 3.87
C TYR A 33 10.74 26.75 3.34
N GLN A 34 9.86 26.82 2.35
CA GLN A 34 9.43 28.08 1.74
C GLN A 34 8.03 28.46 2.20
N ASN A 35 7.94 29.50 3.04
CA ASN A 35 6.66 29.91 3.61
C ASN A 35 5.69 30.54 2.61
N HIS A 36 6.21 30.97 1.47
CA HIS A 36 5.37 31.56 0.42
C HIS A 36 4.70 30.51 -0.47
N SER A 37 5.23 29.30 -0.50
CA SER A 37 4.74 28.25 -1.40
C SER A 37 4.23 27.00 -0.68
N GLY A 38 4.63 26.82 0.58
CA GLY A 38 4.29 25.62 1.33
C GLY A 38 5.20 24.44 1.03
N ARG A 39 6.27 24.67 0.28
CA ARG A 39 7.14 23.58 -0.16
C ARG A 39 8.45 23.50 0.62
N PHE A 40 8.79 22.28 1.03
CA PHE A 40 10.12 21.94 1.53
C PHE A 40 11.01 21.55 0.35
N VAL A 41 12.24 22.03 0.34
CA VAL A 41 13.20 21.69 -0.69
C VAL A 41 14.36 20.90 -0.09
N CYS A 42 14.64 19.73 -0.67
CA CYS A 42 15.77 18.92 -0.22
C CYS A 42 17.11 19.43 -0.77
N THR A 43 18.04 19.74 0.13
CA THR A 43 19.42 20.03 -0.25
C THR A 43 20.30 18.80 0.06
N VAL A 44 20.17 18.28 1.27
CA VAL A 44 20.95 17.13 1.71
C VAL A 44 20.17 15.83 1.41
N PRO A 45 20.69 15.01 0.47
CA PRO A 45 19.97 13.76 0.20
C PRO A 45 19.96 12.84 1.41
N GLY A 46 18.86 12.14 1.63
CA GLY A 46 18.77 11.21 2.75
C GLY A 46 17.35 10.91 3.15
N TYR A 47 17.20 10.34 4.34
CA TYR A 47 15.91 9.95 4.88
C TYR A 47 15.40 11.03 5.80
N TYR A 48 14.18 11.51 5.51
CA TYR A 48 13.54 12.59 6.25
C TYR A 48 12.23 12.10 6.85
N TYR A 49 11.84 12.68 7.99
CA TYR A 49 10.51 12.48 8.51
C TYR A 49 9.67 13.74 8.29
N PHE A 50 8.46 13.57 7.78
CA PHE A 50 7.50 14.66 7.62
C PHE A 50 6.21 14.33 8.32
N THR A 51 5.58 15.34 8.89
CA THR A 51 4.33 15.13 9.60
C THR A 51 3.51 16.41 9.66
N PHE A 52 2.19 16.27 9.75
CA PHE A 52 1.32 17.43 9.92
C PHE A 52 0.25 17.12 10.96
N GLN A 53 -0.25 18.17 11.59
CA GLN A 53 -1.41 18.12 12.48
C GLN A 53 -2.23 19.35 12.10
N VAL A 54 -3.35 19.12 11.43
CA VAL A 54 -4.11 20.21 10.82
C VAL A 54 -5.53 20.24 11.35
N LEU A 55 -6.00 21.44 11.68
CA LEU A 55 -7.29 21.66 12.32
C LEU A 55 -8.41 21.90 11.31
N SER A 56 -9.49 21.13 11.45
CA SER A 56 -10.68 21.29 10.62
C SER A 56 -11.91 21.34 11.51
N GLN A 57 -13.02 21.80 10.93
CA GLN A 57 -14.31 21.74 11.61
C GLN A 57 -15.35 20.99 10.79
N TRP A 58 -14.99 20.64 9.56
CA TRP A 58 -15.95 20.03 8.64
C TRP A 58 -15.41 18.74 8.01
N GLU A 59 -15.01 18.79 6.74
CA GLU A 59 -14.34 17.63 6.13
C GLU A 59 -12.97 18.03 5.60
N ILE A 60 -11.98 17.20 5.89
CA ILE A 60 -10.62 17.44 5.44
CA ILE A 60 -10.61 17.44 5.44
C ILE A 60 -9.93 16.14 5.05
N CYS A 61 -9.28 16.14 3.89
CA CYS A 61 -8.40 15.04 3.49
C CYS A 61 -7.10 15.68 3.01
N LEU A 62 -6.00 15.24 3.59
CA LEU A 62 -4.66 15.76 3.28
C LEU A 62 -3.70 14.67 2.89
N SER A 63 -2.72 15.03 2.08
CA SER A 63 -1.69 14.08 1.67
C SER A 63 -0.33 14.78 1.66
N ILE A 64 0.69 14.09 2.16
CA ILE A 64 2.08 14.51 1.97
C ILE A 64 2.52 14.00 0.61
N VAL A 65 2.87 14.92 -0.28
N VAL A 65 2.83 14.95 -0.27
CA VAL A 65 3.22 14.60 -1.64
CA VAL A 65 3.20 14.73 -1.67
C VAL A 65 4.63 15.15 -1.92
C VAL A 65 4.66 15.12 -1.86
N SER A 66 5.33 14.56 -2.88
CA SER A 66 6.68 15.00 -3.22
C SER A 66 6.84 15.15 -4.73
N SER A 67 7.95 15.74 -5.14
CA SER A 67 8.32 15.77 -6.54
C SER A 67 9.76 15.35 -6.71
N SER A 68 10.05 14.82 -7.89
CA SER A 68 11.40 14.46 -8.30
C SER A 68 11.53 14.93 -9.74
N ARG A 69 12.52 15.79 -9.99
CA ARG A 69 12.73 16.39 -11.31
C ARG A 69 11.45 17.10 -11.77
N GLY A 70 10.73 17.69 -10.82
CA GLY A 70 9.50 18.41 -11.10
C GLY A 70 8.25 17.56 -11.29
N GLN A 71 8.42 16.23 -11.28
CA GLN A 71 7.31 15.30 -11.49
C GLN A 71 6.68 14.90 -10.17
N VAL A 72 5.36 15.00 -10.10
CA VAL A 72 4.64 14.81 -8.86
C VAL A 72 4.52 13.32 -8.50
N ARG A 73 4.74 13.03 -7.23
CA ARG A 73 4.65 11.69 -6.69
C ARG A 73 3.56 11.65 -5.62
N ARG A 74 2.40 11.12 -6.01
CA ARG A 74 1.23 11.03 -5.14
C ARG A 74 1.43 9.96 -4.08
N SER A 75 0.71 10.06 -2.97
CA SER A 75 0.94 9.18 -1.85
C SER A 75 -0.32 8.98 -1.00
N LEU A 76 -0.14 8.43 0.19
CA LEU A 76 -1.23 8.16 1.12
C LEU A 76 -1.91 9.44 1.58
N GLY A 77 -3.14 9.29 2.05
CA GLY A 77 -3.88 10.41 2.56
C GLY A 77 -4.38 10.13 3.96
N PHE A 78 -4.86 11.20 4.61
CA PHE A 78 -5.36 11.12 5.97
C PHE A 78 -6.52 12.10 6.06
N CYS A 79 -7.65 11.64 6.59
CA CYS A 79 -8.87 12.45 6.60
C CYS A 79 -9.54 12.51 7.96
N ASP A 80 -10.24 13.62 8.20
CA ASP A 80 -11.26 13.64 9.24
C ASP A 80 -12.55 14.16 8.61
N THR A 81 -13.59 13.34 8.64
CA THR A 81 -14.87 13.72 8.04
C THR A 81 -16.01 13.77 9.05
N THR A 82 -15.67 14.00 10.31
CA THR A 82 -16.70 14.11 11.37
C THR A 82 -17.81 15.08 10.98
N ASN A 83 -17.43 16.24 10.43
CA ASN A 83 -18.37 17.14 9.75
C ASN A 83 -19.47 17.69 10.65
N LYS A 84 -19.11 18.04 11.89
CA LYS A 84 -20.10 18.52 12.86
C LYS A 84 -19.85 19.95 13.34
N GLY A 85 -18.83 20.59 12.79
CA GLY A 85 -18.54 21.98 13.11
C GLY A 85 -17.64 22.20 14.32
N LEU A 86 -17.23 21.11 14.95
N LEU A 86 -17.23 21.12 14.97
CA LEU A 86 -16.31 21.16 16.09
CA LEU A 86 -16.31 21.20 16.09
C LEU A 86 -14.89 20.82 15.65
C LEU A 86 -14.90 20.79 15.69
N PHE A 87 -13.91 21.39 16.35
CA PHE A 87 -12.50 21.16 16.07
C PHE A 87 -12.12 19.68 16.01
N GLN A 88 -11.45 19.29 14.94
CA GLN A 88 -10.83 17.97 14.84
C GLN A 88 -9.45 18.16 14.26
N VAL A 89 -8.47 17.44 14.80
CA VAL A 89 -7.11 17.47 14.26
C VAL A 89 -6.86 16.21 13.44
N VAL A 90 -6.67 16.40 12.13
CA VAL A 90 -6.23 15.32 11.26
C VAL A 90 -4.70 15.30 11.29
N SER A 91 -4.13 14.09 11.33
CA SER A 91 -2.69 13.94 11.40
C SER A 91 -2.21 12.85 10.46
N GLY A 92 -0.94 12.96 10.09
CA GLY A 92 -0.31 11.98 9.22
C GLY A 92 1.17 12.25 9.19
N GLY A 93 1.93 11.27 8.73
CA GLY A 93 3.37 11.43 8.62
C GLY A 93 3.99 10.21 7.98
N MET A 94 5.21 10.38 7.50
CA MET A 94 5.95 9.28 6.89
C MET A 94 7.41 9.64 6.72
N VAL A 95 8.25 8.62 6.63
CA VAL A 95 9.63 8.77 6.20
C VAL A 95 9.65 8.85 4.67
N LEU A 96 10.42 9.80 4.14
CA LEU A 96 10.70 9.86 2.70
C LEU A 96 12.21 9.87 2.47
N GLN A 97 12.66 9.03 1.55
CA GLN A 97 14.02 9.13 1.05
C GLN A 97 14.03 10.13 -0.09
N LEU A 98 14.82 11.19 0.07
CA LEU A 98 14.85 12.27 -0.90
C LEU A 98 16.20 12.46 -1.57
N GLN A 99 16.16 12.93 -2.82
N GLN A 99 16.16 12.93 -2.82
CA GLN A 99 17.35 13.34 -3.55
CA GLN A 99 17.35 13.33 -3.56
C GLN A 99 17.42 14.85 -3.58
C GLN A 99 17.42 14.85 -3.59
N GLN A 100 18.60 15.40 -3.87
CA GLN A 100 18.78 16.85 -3.97
C GLN A 100 17.82 17.43 -4.99
N GLY A 101 17.09 18.47 -4.60
CA GLY A 101 16.14 19.12 -5.49
C GLY A 101 14.71 18.62 -5.34
N ASP A 102 14.52 17.47 -4.68
CA ASP A 102 13.16 16.98 -4.44
C ASP A 102 12.42 17.97 -3.56
N GLN A 103 11.12 18.10 -3.80
CA GLN A 103 10.28 18.97 -2.99
C GLN A 103 9.19 18.15 -2.30
N VAL A 104 8.75 18.64 -1.16
CA VAL A 104 7.73 17.97 -0.35
C VAL A 104 6.73 19.00 0.14
N TRP A 105 5.45 18.66 0.07
CA TRP A 105 4.41 19.58 0.52
C TRP A 105 3.15 18.84 0.92
N VAL A 106 2.20 19.57 1.50
CA VAL A 106 0.92 19.03 1.90
C VAL A 106 -0.13 19.52 0.91
N GLU A 107 -0.94 18.60 0.41
CA GLU A 107 -2.02 18.92 -0.50
C GLU A 107 -3.36 18.52 0.07
N LYS A 108 -4.37 19.35 -0.21
CA LYS A 108 -5.73 19.04 0.19
C LYS A 108 -6.55 18.48 -0.98
N ASP A 109 -7.51 17.64 -0.63
CA ASP A 109 -8.54 17.14 -1.53
C ASP A 109 -9.44 18.32 -1.89
N PRO A 110 -9.59 18.60 -3.21
CA PRO A 110 -10.43 19.74 -3.59
C PRO A 110 -11.90 19.62 -3.16
N LYS A 111 -12.34 18.41 -2.82
CA LYS A 111 -13.70 18.18 -2.36
C LYS A 111 -13.82 18.14 -0.83
N LYS A 112 -12.69 17.98 -0.15
CA LYS A 112 -12.66 17.92 1.31
C LYS A 112 -11.45 18.71 1.82
N GLY A 113 -11.61 20.03 1.89
CA GLY A 113 -10.49 20.91 2.16
C GLY A 113 -10.68 21.96 3.24
N HIS A 114 -11.56 21.73 4.20
CA HIS A 114 -11.76 22.73 5.25
C HIS A 114 -10.63 22.76 6.27
N ILE A 115 -9.96 23.90 6.33
CA ILE A 115 -8.94 24.14 7.35
C ILE A 115 -9.35 25.37 8.14
N TYR A 116 -9.39 25.22 9.47
CA TYR A 116 -9.73 26.32 10.36
C TYR A 116 -8.86 27.55 10.11
N GLN A 117 -9.49 28.71 10.12
CA GLN A 117 -8.82 30.00 10.02
C GLN A 117 -9.19 30.84 11.25
N GLY A 118 -8.20 31.17 12.07
CA GLY A 118 -8.41 31.97 13.26
C GLY A 118 -7.30 31.88 14.28
N SER A 119 -7.50 32.50 15.45
CA SER A 119 -6.46 32.61 16.47
C SER A 119 -6.59 31.61 17.62
N GLU A 120 -7.70 30.87 17.67
CA GLU A 120 -8.00 29.98 18.80
C GLU A 120 -7.07 28.78 18.91
N ALA A 121 -6.67 28.24 17.75
CA ALA A 121 -5.81 27.06 17.71
C ALA A 121 -5.05 26.98 16.39
N ASP A 122 -4.12 26.02 16.30
CA ASP A 122 -3.12 26.01 15.24
C ASP A 122 -3.06 24.74 14.41
N SER A 123 -2.54 24.89 13.19
CA SER A 123 -2.23 23.77 12.28
C SER A 123 -0.75 23.85 11.95
N VAL A 124 -0.08 22.70 11.89
N VAL A 124 -0.09 22.69 11.88
CA VAL A 124 1.37 22.68 11.73
CA VAL A 124 1.38 22.60 11.81
C VAL A 124 1.84 21.62 10.73
C VAL A 124 1.85 21.60 10.75
N PHE A 125 2.93 21.95 10.05
CA PHE A 125 3.63 21.05 9.13
C PHE A 125 5.10 21.07 9.57
N SER A 126 5.66 19.89 9.80
CA SER A 126 7.04 19.74 10.27
C SER A 126 7.80 18.70 9.47
N GLY A 127 9.12 18.86 9.45
CA GLY A 127 10.00 17.88 8.81
C GLY A 127 11.41 18.00 9.33
N PHE A 128 12.15 16.90 9.27
CA PHE A 128 13.56 16.91 9.67
C PHE A 128 14.33 15.76 9.05
N LEU A 129 15.62 15.98 8.85
CA LEU A 129 16.54 14.93 8.42
C LEU A 129 16.71 13.90 9.53
N ILE A 130 16.54 12.62 9.19
CA ILE A 130 16.84 11.50 10.09
C ILE A 130 18.30 11.10 9.95
N PHE A 131 18.70 10.78 8.71
CA PHE A 131 20.12 10.60 8.40
C PHE A 131 20.40 10.80 6.91
N PRO A 132 21.58 11.36 6.59
CA PRO A 132 21.94 11.58 5.19
C PRO A 132 22.27 10.26 4.48
N SER A 133 22.12 10.27 3.16
CA SER A 133 22.34 9.10 2.30
C SER A 133 21.38 7.95 2.61
N ALA A 134 21.63 7.09 3.45
N THR B 2 28.56 13.35 21.63
CA THR B 2 27.56 12.24 21.55
C THR B 2 26.37 12.51 22.48
N GLN B 3 25.64 13.58 22.18
CA GLN B 3 24.52 14.03 23.01
C GLN B 3 23.23 13.24 22.75
N LYS B 4 22.96 12.25 23.59
CA LYS B 4 21.79 11.39 23.43
C LYS B 4 20.70 11.81 24.41
N ILE B 5 19.78 12.63 23.90
CA ILE B 5 18.75 13.26 24.71
C ILE B 5 17.37 12.93 24.17
N ALA B 6 16.57 12.24 24.96
CA ALA B 6 15.24 11.79 24.54
C ALA B 6 14.41 11.43 25.76
N PHE B 7 13.14 11.85 25.77
CA PHE B 7 12.23 11.47 26.84
C PHE B 7 10.85 11.11 26.31
N SER B 8 10.21 10.17 27.00
CA SER B 8 8.80 9.85 26.81
C SER B 8 8.23 9.64 28.20
N ALA B 9 7.13 10.34 28.51
CA ALA B 9 6.50 10.18 29.80
C ALA B 9 4.99 10.22 29.66
N THR B 10 4.31 9.32 30.37
CA THR B 10 2.87 9.28 30.36
C THR B 10 2.29 9.93 31.62
N ARG B 11 1.02 10.28 31.55
CA ARG B 11 0.29 10.85 32.68
C ARG B 11 -0.65 9.81 33.27
N THR B 12 -0.55 9.60 34.58
CA THR B 12 -1.43 8.66 35.28
C THR B 12 -2.28 9.38 36.33
N ILE B 13 -2.08 10.71 36.43
CA ILE B 13 -2.83 11.55 37.36
CA ILE B 13 -2.82 11.56 37.35
C ILE B 13 -4.22 11.86 36.81
N VAL B 15 -6.50 14.03 38.70
CA VAL B 15 -6.95 15.32 39.21
C VAL B 15 -7.27 16.25 38.04
N PRO B 16 -8.50 16.81 38.01
CA PRO B 16 -8.89 17.78 36.98
C PRO B 16 -7.93 18.96 36.93
N LEU B 17 -7.40 19.23 35.73
CA LEU B 17 -6.43 20.32 35.49
CA LEU B 17 -6.43 20.32 35.59
C LEU B 17 -7.10 21.68 35.50
N ARG B 18 -6.40 22.70 36.01
CA ARG B 18 -6.91 24.06 36.03
C ARG B 18 -6.28 24.86 34.89
N ARG B 19 -6.96 25.93 34.48
CA ARG B 19 -6.44 26.84 33.46
C ARG B 19 -5.07 27.36 33.85
N ASP B 20 -4.14 27.33 32.90
CA ASP B 20 -2.74 27.78 33.08
C ASP B 20 -1.85 26.81 33.88
N GLN B 21 -2.40 25.67 34.29
CA GLN B 21 -1.63 24.69 35.03
C GLN B 21 -0.72 23.89 34.09
N THR B 22 0.53 23.69 34.48
CA THR B 22 1.43 22.81 33.77
C THR B 22 0.90 21.39 33.84
N ILE B 23 0.88 20.70 32.69
CA ILE B 23 0.40 19.33 32.65
C ILE B 23 1.56 18.39 32.95
N ARG B 24 1.48 17.72 34.10
CA ARG B 24 2.51 16.79 34.55
CA ARG B 24 2.53 16.79 34.52
C ARG B 24 2.33 15.41 33.90
N PHE B 25 3.41 14.89 33.33
CA PHE B 25 3.45 13.52 32.84
C PHE B 25 4.38 12.79 33.80
N ASP B 26 3.77 12.11 34.77
CA ASP B 26 4.47 11.62 35.96
C ASP B 26 5.22 10.31 35.77
N HIS B 27 4.82 9.51 34.77
CA HIS B 27 5.41 8.19 34.58
C HIS B 27 6.42 8.15 33.45
N VAL B 28 7.69 7.99 33.79
CA VAL B 28 8.77 8.04 32.81
C VAL B 28 8.96 6.69 32.14
N ILE B 29 8.87 6.68 30.81
CA ILE B 29 9.23 5.50 30.01
C ILE B 29 10.70 5.62 29.58
N THR B 30 11.07 6.79 29.10
CA THR B 30 12.42 7.07 28.63
C THR B 30 12.81 8.46 29.10
N ASN B 31 14.06 8.62 29.51
CA ASN B 31 14.57 9.93 29.94
C ASN B 31 16.09 9.98 29.84
N MET B 32 16.60 9.73 28.64
CA MET B 32 18.03 9.75 28.39
C MET B 32 18.59 11.17 28.54
N ASN B 33 19.62 11.28 29.39
CA ASN B 33 20.26 12.54 29.79
C ASN B 33 19.50 13.30 30.90
N ASN B 34 18.37 12.75 31.35
CA ASN B 34 17.63 13.30 32.50
C ASN B 34 17.30 14.79 32.39
N ASN B 35 16.87 15.21 31.21
CA ASN B 35 16.49 16.61 30.99
C ASN B 35 14.99 16.89 31.10
N TYR B 36 14.21 15.81 31.20
CA TYR B 36 12.79 15.93 31.54
C TYR B 36 12.62 15.67 33.03
N GLU B 37 11.79 16.47 33.67
CA GLU B 37 11.51 16.30 35.09
C GLU B 37 10.05 15.95 35.35
N PRO B 38 9.77 14.68 35.69
CA PRO B 38 8.40 14.23 35.94
C PRO B 38 7.70 14.89 37.13
N ARG B 39 8.46 15.50 38.04
CA ARG B 39 7.89 16.23 39.17
C ARG B 39 7.27 17.57 38.74
N SER B 40 7.87 18.20 37.74
CA SER B 40 7.41 19.50 37.25
C SER B 40 6.63 19.41 35.93
N GLY B 41 6.88 18.35 35.16
CA GLY B 41 6.28 18.18 33.83
C GLY B 41 7.01 18.92 32.73
N LYS B 42 8.16 19.50 33.10
CA LYS B 42 8.92 20.35 32.18
C LYS B 42 10.19 19.68 31.67
N PHE B 43 10.46 19.89 30.38
CA PHE B 43 11.77 19.60 29.82
C PHE B 43 12.60 20.87 29.95
N THR B 44 13.83 20.75 30.43
CA THR B 44 14.72 21.91 30.52
C THR B 44 15.98 21.63 29.72
N CYS B 45 16.22 22.49 28.73
CA CYS B 45 17.36 22.36 27.85
C CYS B 45 18.69 22.56 28.59
N LYS B 46 19.56 21.56 28.48
CA LYS B 46 20.95 21.67 28.94
C LYS B 46 21.90 21.80 27.76
N VAL B 47 21.54 21.15 26.66
CA VAL B 47 22.34 21.17 25.44
C VAL B 47 21.59 21.98 24.38
N PRO B 48 22.07 23.21 24.09
CA PRO B 48 21.43 24.06 23.09
C PRO B 48 21.37 23.37 21.73
N GLY B 49 20.24 23.49 21.04
CA GLY B 49 20.09 22.86 19.74
C GLY B 49 18.65 22.76 19.28
N LEU B 50 18.44 21.94 18.26
CA LEU B 50 17.13 21.72 17.66
C LEU B 50 16.53 20.45 18.23
N TYR B 51 15.27 20.56 18.64
CA TYR B 51 14.55 19.47 19.27
C TYR B 51 13.21 19.28 18.60
N TYR B 52 12.71 18.05 18.60
CA TYR B 52 11.32 17.77 18.22
CA TYR B 52 11.32 17.79 18.22
C TYR B 52 10.52 17.38 19.45
N PHE B 53 9.37 18.02 19.63
CA PHE B 53 8.46 17.70 20.73
C PHE B 53 7.15 17.20 20.16
N THR B 54 6.52 16.27 20.87
CA THR B 54 5.31 15.64 20.37
C THR B 54 4.50 15.09 21.54
N TYR B 55 3.18 15.03 21.37
CA TYR B 55 2.33 14.40 22.38
C TYR B 55 1.14 13.72 21.73
N HIS B 56 0.55 12.78 22.47
CA HIS B 56 -0.74 12.19 22.11
C HIS B 56 -1.57 12.22 23.38
N ALA B 57 -2.75 12.80 23.27
CA ALA B 57 -3.62 12.96 24.44
C ALA B 57 -4.95 12.24 24.23
N SER B 58 -5.28 11.34 25.16
CA SER B 58 -6.61 10.73 25.22
C SER B 58 -7.56 11.66 25.94
N SER B 59 -8.83 11.64 25.56
CA SER B 59 -9.79 12.64 25.99
C SER B 59 -11.22 12.14 25.80
N ARG B 60 -12.14 12.67 26.62
CA ARG B 60 -13.56 12.31 26.50
CA ARG B 60 -13.56 12.32 26.55
C ARG B 60 -14.43 13.55 26.28
N GLY B 61 -13.80 14.67 25.93
CA GLY B 61 -14.51 15.91 25.69
C GLY B 61 -13.54 16.91 25.09
N ASN B 62 -13.88 18.18 25.19
CA ASN B 62 -13.08 19.22 24.56
C ASN B 62 -11.73 19.42 25.24
N LEU B 63 -10.66 19.45 24.42
CA LEU B 63 -9.31 19.64 24.92
C LEU B 63 -8.55 20.67 24.09
N CYS B 64 -8.00 21.68 24.77
CA CYS B 64 -7.02 22.58 24.16
C CYS B 64 -5.79 22.61 25.07
N VAL B 65 -4.61 22.55 24.45
CA VAL B 65 -3.36 22.62 25.18
CA VAL B 65 -3.35 22.63 25.19
C VAL B 65 -2.41 23.63 24.54
N ASN B 66 -1.69 24.38 25.38
CA ASN B 66 -0.67 25.31 24.92
C ASN B 66 0.70 24.65 25.00
N LEU B 67 1.45 24.71 23.90
CA LEU B 67 2.84 24.27 23.91
C LEU B 67 3.71 25.47 24.26
N MET B 68 4.37 25.39 25.41
CA MET B 68 5.08 26.53 26.01
C MET B 68 6.58 26.45 25.83
N ARG B 69 7.21 27.63 25.65
CA ARG B 69 8.66 27.74 25.64
C ARG B 69 9.07 28.96 26.47
N GLY B 70 10.12 28.81 27.27
CA GLY B 70 10.68 29.96 28.02
C GLY B 70 11.53 29.59 29.22
N ARG B 71 12.18 30.59 29.83
CA ARG B 71 13.18 30.37 30.90
C ARG B 71 12.84 30.86 32.33
N GLU B 72 11.76 31.63 32.47
CA GLU B 72 11.15 31.89 33.78
C GLU B 72 9.67 32.22 33.58
N ARG B 73 9.41 33.07 32.60
CA ARG B 73 8.05 33.35 32.17
C ARG B 73 7.90 32.83 30.75
N ALA B 74 7.39 31.61 30.63
CA ALA B 74 7.21 30.96 29.34
C ALA B 74 6.06 31.61 28.59
N GLN B 75 6.05 31.42 27.26
CA GLN B 75 4.95 31.89 26.43
C GLN B 75 4.54 30.77 25.49
N LYS B 76 3.25 30.72 25.15
CA LYS B 76 2.76 29.70 24.23
C LYS B 76 3.28 29.95 22.82
N VAL B 77 3.78 28.87 22.21
CA VAL B 77 4.24 28.88 20.82
C VAL B 77 3.03 28.61 19.93
N VAL B 78 2.25 27.60 20.29
CA VAL B 78 1.02 27.24 19.59
C VAL B 78 0.00 26.72 20.60
N THR B 79 -1.27 26.71 20.20
CA THR B 79 -2.32 26.02 20.92
C THR B 79 -2.93 24.96 20.00
N PHE B 80 -3.06 23.74 20.52
CA PHE B 80 -3.76 22.67 19.79
C PHE B 80 -5.09 22.39 20.46
N CYS B 81 -6.17 22.43 19.68
CA CYS B 81 -7.51 22.08 20.16
C CYS B 81 -8.09 20.94 19.36
N ASP B 82 -8.77 20.03 20.06
CA ASP B 82 -9.46 18.93 19.42
C ASP B 82 -10.69 18.65 20.27
N TYR B 83 -11.86 18.77 19.66
CA TYR B 83 -13.12 18.70 20.37
C TYR B 83 -13.77 17.33 20.21
N ALA B 84 -14.62 16.97 21.17
CA ALA B 84 -15.28 15.69 21.19
C ALA B 84 -16.60 15.84 21.92
N TYR B 85 -17.70 15.51 21.24
CA TYR B 85 -19.00 15.56 21.87
C TYR B 85 -19.48 14.17 22.27
N ASN B 86 -19.60 13.96 23.58
CA ASN B 86 -20.07 12.71 24.17
C ASN B 86 -19.38 11.48 23.58
N THR B 87 -18.06 11.56 23.43
CA THR B 87 -17.27 10.48 22.85
C THR B 87 -15.82 10.48 23.32
N PHE B 88 -15.08 9.45 22.94
CA PHE B 88 -13.67 9.32 23.28
C PHE B 88 -12.81 9.61 22.05
N GLN B 89 -11.70 10.30 22.28
CA GLN B 89 -10.82 10.73 21.20
C GLN B 89 -9.36 10.59 21.60
N VAL B 90 -8.49 10.57 20.59
CA VAL B 90 -7.05 10.77 20.80
C VAL B 90 -6.61 11.85 19.84
N THR B 91 -5.85 12.82 20.35
CA THR B 91 -5.37 13.90 19.53
C THR B 91 -3.85 14.00 19.66
N THR B 92 -3.25 14.78 18.77
CA THR B 92 -1.80 14.88 18.72
C THR B 92 -1.35 16.26 18.28
N GLY B 93 -0.13 16.63 18.68
CA GLY B 93 0.51 17.87 18.25
C GLY B 93 2.00 17.68 18.32
N GLY B 94 2.73 18.49 17.56
CA GLY B 94 4.18 18.39 17.53
C GLY B 94 4.80 19.67 17.03
N MET B 95 6.10 19.83 17.29
CA MET B 95 6.81 21.05 16.92
C MET B 95 8.31 20.84 16.99
N VAL B 96 9.01 21.31 15.96
CA VAL B 96 10.44 21.47 15.97
C VAL B 96 10.75 22.84 16.59
N LEU B 97 11.60 22.86 17.62
CA LEU B 97 11.97 24.08 18.32
C LEU B 97 13.48 24.18 18.49
N LYS B 98 14.00 25.38 18.24
CA LYS B 98 15.35 25.73 18.64
C LYS B 98 15.31 26.13 20.11
N LEU B 99 16.21 25.54 20.90
CA LEU B 99 16.28 25.84 22.33
C LEU B 99 17.67 26.27 22.74
N GLU B 100 17.71 27.21 23.67
CA GLU B 100 18.96 27.66 24.28
C GLU B 100 19.05 27.12 25.71
N GLN B 101 20.25 27.19 26.28
CA GLN B 101 20.51 26.70 27.64
C GLN B 101 19.53 27.30 28.64
N GLY B 102 18.87 26.43 29.41
CA GLY B 102 17.94 26.84 30.45
C GLY B 102 16.49 26.99 30.03
N GLU B 103 16.23 26.96 28.73
CA GLU B 103 14.86 27.11 28.24
C GLU B 103 14.04 25.86 28.52
N ASN B 104 12.82 26.07 29.02
CA ASN B 104 11.93 24.95 29.23
CA ASN B 104 11.85 25.01 29.30
C ASN B 104 10.87 24.83 28.14
N VAL B 105 10.40 23.60 27.96
CA VAL B 105 9.29 23.31 27.08
C VAL B 105 8.35 22.41 27.87
N PHE B 106 7.06 22.71 27.79
CA PHE B 106 6.05 21.94 28.51
C PHE B 106 4.67 22.20 27.92
N LEU B 107 3.71 21.40 28.37
CA LEU B 107 2.33 21.56 27.96
C LEU B 107 1.52 22.21 29.09
N GLN B 108 0.65 23.13 28.71
CA GLN B 108 -0.12 23.90 29.67
C GLN B 108 -1.61 23.75 29.41
N ALA B 109 -2.38 23.56 30.49
CA ALA B 109 -3.82 23.36 30.42
C ALA B 109 -4.60 24.65 30.14
N THR B 110 -5.81 24.49 29.62
CA THR B 110 -6.76 25.58 29.38
C THR B 110 -8.09 25.23 30.06
N ASP B 111 -9.12 26.05 29.84
CA ASP B 111 -10.47 25.76 30.34
C ASP B 111 -11.06 24.50 29.68
N LYS B 112 -10.55 24.19 28.50
CA LYS B 112 -10.93 22.97 27.78
C LYS B 112 -9.97 21.87 28.23
N ASN B 113 -10.39 21.11 29.24
CA ASN B 113 -9.47 20.33 30.06
C ASN B 113 -9.72 18.82 30.12
N SER B 114 -10.47 18.27 29.16
CA SER B 114 -10.73 16.84 29.14
C SER B 114 -9.49 16.07 28.70
N LEU B 115 -8.78 15.53 29.69
CA LEU B 115 -7.55 14.79 29.46
C LEU B 115 -7.51 13.51 30.31
N LEU B 116 -7.42 12.37 29.63
CA LEU B 116 -7.38 11.06 30.29
C LEU B 116 -5.97 10.48 30.31
N GLY B 117 -5.61 9.87 31.43
CA GLY B 117 -4.33 9.20 31.55
C GLY B 117 -4.46 7.94 32.37
N MET B 118 -4.64 6.82 31.65
CA MET B 118 -4.88 5.53 32.28
CA MET B 118 -4.89 5.53 32.29
C MET B 118 -4.40 4.42 31.37
N GLU B 119 -4.22 3.22 31.93
CA GLU B 119 -3.92 2.05 31.13
C GLU B 119 -5.14 1.82 30.24
N GLY B 120 -4.90 1.72 28.93
CA GLY B 120 -5.98 1.56 27.97
C GLY B 120 -6.46 2.85 27.32
N ALA B 121 -6.03 4.00 27.86
CA ALA B 121 -6.29 5.31 27.28
C ALA B 121 -5.24 6.29 27.76
N ASN B 122 -4.07 6.21 27.16
CA ASN B 122 -2.91 6.93 27.64
C ASN B 122 -2.78 8.34 27.11
N SER B 123 -2.05 9.18 27.84
CA SER B 123 -1.58 10.45 27.32
C SER B 123 -0.08 10.49 27.54
N ILE B 124 0.65 10.92 26.51
CA ILE B 124 2.11 10.84 26.48
C ILE B 124 2.69 12.15 25.96
N PHE B 125 3.85 12.52 26.50
CA PHE B 125 4.61 13.70 26.08
C PHE B 125 6.03 13.22 25.84
N SER B 126 6.57 13.57 24.67
CA SER B 126 7.89 13.11 24.24
C SER B 126 8.68 14.23 23.60
N GLY B 127 10.00 14.08 23.60
CA GLY B 127 10.86 14.99 22.87
C GLY B 127 12.23 14.41 22.68
N PHE B 128 12.93 14.85 21.64
CA PHE B 128 14.29 14.40 21.41
C PHE B 128 15.14 15.45 20.70
N LEU B 129 16.45 15.39 20.97
CA LEU B 129 17.42 16.22 20.27
C LEU B 129 17.59 15.76 18.83
N LEU B 130 17.51 16.73 17.91
CA LEU B 130 17.78 16.49 16.49
C LEU B 130 19.23 16.82 16.16
N PHE B 131 19.67 18.03 16.51
CA PHE B 131 21.03 18.50 16.23
C PHE B 131 21.46 19.48 17.32
N PRO B 132 22.62 19.22 17.95
CA PRO B 132 23.16 20.17 18.93
C PRO B 132 23.77 21.39 18.26
N ASP B 133 23.64 22.56 18.92
CA ASP B 133 24.12 23.87 18.46
C ASP B 133 23.05 24.95 18.64
N MET B 134 22.05 24.97 17.93
N LYS C 3 23.59 -0.47 6.76
CA LYS C 3 23.75 -1.53 7.79
C LYS C 3 23.71 -0.98 9.21
N PHE C 4 24.14 0.27 9.38
CA PHE C 4 24.34 0.85 10.70
C PHE C 4 23.23 1.81 11.14
N GLN C 5 22.22 1.96 10.30
CA GLN C 5 21.04 2.78 10.62
C GLN C 5 19.80 1.90 10.71
N SER C 6 18.65 2.51 11.00
CA SER C 6 17.37 1.79 11.00
C SER C 6 16.23 2.74 10.76
N VAL C 7 15.45 2.48 9.71
CA VAL C 7 14.29 3.31 9.38
C VAL C 7 13.24 2.49 8.63
N PHE C 8 11.97 2.78 8.89
CA PHE C 8 10.89 2.21 8.09
C PHE C 8 9.64 3.08 8.14
N THR C 9 8.88 3.03 7.05
CA THR C 9 7.47 3.41 7.02
C THR C 9 6.76 2.30 6.28
N VAL C 10 5.79 1.68 6.96
CA VAL C 10 4.98 0.63 6.38
C VAL C 10 3.53 1.05 6.45
N THR C 11 2.69 0.43 5.62
N THR C 11 2.70 0.45 5.60
CA THR C 11 1.31 0.79 5.51
CA THR C 11 1.29 0.78 5.50
C THR C 11 0.43 -0.44 5.41
C THR C 11 0.45 -0.48 5.50
N ARG C 12 -0.83 -0.30 5.80
CA ARG C 12 -1.77 -1.41 5.78
C ARG C 12 -2.69 -1.21 4.59
N GLN C 13 -2.37 -1.90 3.49
CA GLN C 13 -3.11 -1.78 2.25
C GLN C 13 -4.08 -2.93 2.10
N THR C 14 -5.30 -2.68 2.57
CA THR C 14 -6.39 -3.62 2.55
C THR C 14 -7.63 -2.91 3.07
N HIS C 15 -8.79 -3.33 2.59
CA HIS C 15 -10.06 -2.75 2.97
C HIS C 15 -10.67 -3.54 4.13
N GLN C 16 -10.05 -4.67 4.46
CA GLN C 16 -10.51 -5.50 5.58
C GLN C 16 -9.72 -5.24 6.86
N PRO C 17 -10.43 -5.02 7.98
CA PRO C 17 -9.78 -4.67 9.25
C PRO C 17 -9.06 -5.85 9.88
N PRO C 18 -8.19 -5.58 10.88
CA PRO C 18 -7.58 -6.69 11.62
C PRO C 18 -8.62 -7.50 12.38
N ALA C 19 -8.26 -8.73 12.75
CA ALA C 19 -9.07 -9.50 13.67
C ALA C 19 -9.07 -8.84 15.05
N PRO C 20 -10.18 -8.97 15.79
CA PRO C 20 -10.18 -8.43 17.16
C PRO C 20 -9.06 -9.06 18.00
N ASN C 21 -8.47 -8.28 18.90
CA ASN C 21 -7.46 -8.82 19.83
C ASN C 21 -6.30 -9.52 19.13
N SER C 22 -5.73 -8.85 18.12
CA SER C 22 -4.65 -9.42 17.32
C SER C 22 -3.61 -8.38 16.99
N LEU C 23 -2.44 -8.88 16.57
CA LEU C 23 -1.37 -8.07 16.03
C LEU C 23 -1.79 -7.47 14.68
N ILE C 24 -1.54 -6.18 14.50
CA ILE C 24 -1.82 -5.48 13.24
C ILE C 24 -0.67 -5.66 12.26
N ARG C 25 -0.96 -6.29 11.13
CA ARG C 25 0.05 -6.46 10.11
C ARG C 25 0.00 -5.32 9.10
N PHE C 26 1.14 -4.69 8.89
CA PHE C 26 1.29 -3.70 7.83
C PHE C 26 1.96 -4.42 6.66
N ASN C 27 1.21 -4.62 5.59
CA ASN C 27 1.64 -5.50 4.50
C ASN C 27 2.44 -4.82 3.40
N ALA C 28 2.39 -3.49 3.35
CA ALA C 28 3.05 -2.78 2.27
C ALA C 28 4.13 -1.86 2.82
N VAL C 29 5.16 -1.66 2.01
CA VAL C 29 6.35 -0.92 2.42
C VAL C 29 6.48 0.36 1.62
N LEU C 30 6.63 1.49 2.31
CA LEU C 30 7.06 2.72 1.65
C LEU C 30 8.58 2.81 1.65
N THR C 31 9.18 2.55 2.80
CA THR C 31 10.63 2.39 2.90
C THR C 31 10.97 1.45 4.05
N ASN C 32 11.98 0.62 3.88
CA ASN C 32 12.36 -0.38 4.89
C ASN C 32 13.74 -0.94 4.51
N PRO C 33 14.76 -0.06 4.36
CA PRO C 33 16.02 -0.49 3.74
C PRO C 33 16.77 -1.59 4.48
N GLN C 34 16.62 -1.69 5.79
CA GLN C 34 17.32 -2.70 6.57
C GLN C 34 16.48 -3.95 6.80
N GLY C 35 15.23 -3.90 6.36
CA GLY C 35 14.30 -5.01 6.58
C GLY C 35 13.93 -5.19 8.04
N ASP C 36 14.05 -4.12 8.84
CA ASP C 36 13.81 -4.21 10.27
C ASP C 36 12.34 -4.46 10.63
N TYR C 37 11.42 -3.97 9.80
CA TYR C 37 10.02 -4.37 9.89
C TYR C 37 9.81 -5.55 8.95
N ASP C 38 9.20 -6.62 9.46
CA ASP C 38 8.97 -7.81 8.67
C ASP C 38 7.48 -7.87 8.34
N THR C 39 7.14 -7.67 7.06
CA THR C 39 5.73 -7.62 6.66
C THR C 39 5.01 -8.98 6.72
N SER C 40 5.77 -10.06 6.81
N SER C 40 5.78 -10.07 6.79
CA SER C 40 5.19 -11.40 6.91
CA SER C 40 5.18 -11.40 6.92
C SER C 40 4.81 -11.76 8.35
C SER C 40 4.74 -11.70 8.36
N THR C 41 5.46 -11.14 9.34
CA THR C 41 5.13 -11.38 10.76
C THR C 41 4.41 -10.18 11.39
N GLY C 42 4.58 -9.01 10.80
CA GLY C 42 4.02 -7.78 11.37
C GLY C 42 4.84 -7.20 12.52
N LYS C 43 6.07 -7.66 12.69
CA LYS C 43 6.91 -7.20 13.79
C LYS C 43 8.16 -6.47 13.32
N PHE C 44 8.55 -5.46 14.08
CA PHE C 44 9.88 -4.87 13.99
C PHE C 44 10.77 -5.68 14.92
N THR C 45 11.98 -6.00 14.48
CA THR C 45 12.99 -6.62 15.33
C THR C 45 14.27 -5.79 15.25
N CYS C 46 14.77 -5.40 16.42
CA CYS C 46 15.95 -4.57 16.52
C CYS C 46 17.23 -5.29 16.04
N LYS C 47 17.93 -4.66 15.09
CA LYS C 47 19.26 -5.11 14.67
C LYS C 47 20.34 -4.22 15.30
N VAL C 48 20.12 -2.91 15.25
CA VAL C 48 21.06 -1.94 15.79
C VAL C 48 20.51 -1.39 17.11
N PRO C 49 21.20 -1.68 18.23
CA PRO C 49 20.66 -1.25 19.52
C PRO C 49 20.74 0.26 19.67
N GLY C 50 19.80 0.85 20.40
CA GLY C 50 19.82 2.28 20.65
C GLY C 50 18.43 2.85 20.81
N LEU C 51 18.33 4.18 20.74
CA LEU C 51 17.10 4.89 21.00
C LEU C 51 16.29 5.08 19.71
N TYR C 52 15.06 4.58 19.72
CA TYR C 52 14.14 4.60 18.56
C TYR C 52 12.93 5.46 18.82
N TYR C 53 12.42 6.09 17.76
CA TYR C 53 11.10 6.71 17.77
C TYR C 53 10.16 5.81 16.97
N PHE C 54 9.00 5.54 17.54
CA PHE C 54 7.92 4.79 16.86
C PHE C 54 6.66 5.65 16.84
N VAL C 55 5.96 5.67 15.72
CA VAL C 55 4.77 6.48 15.60
C VAL C 55 3.83 5.88 14.54
N TYR C 56 2.53 6.03 14.74
CA TYR C 56 1.56 5.52 13.76
C TYR C 56 0.41 6.52 13.59
N HIS C 57 -0.24 6.46 12.43
CA HIS C 57 -1.47 7.19 12.16
C HIS C 57 -2.39 6.19 11.46
N ALA C 58 -3.50 5.87 12.11
CA ALA C 58 -4.41 4.84 11.64
C ALA C 58 -5.81 5.40 11.37
N SER C 59 -6.30 5.20 10.16
CA SER C 59 -7.63 5.66 9.77
C SER C 59 -8.71 4.66 10.15
N HIS C 60 -9.86 5.16 10.58
CA HIS C 60 -10.92 4.29 11.06
C HIS C 60 -12.29 4.93 10.93
N THR C 61 -13.32 4.10 10.73
CA THR C 61 -14.71 4.56 10.62
C THR C 61 -15.61 3.89 11.65
N ALA C 62 -15.00 3.18 12.60
CA ALA C 62 -15.66 2.68 13.81
C ALA C 62 -14.61 2.70 14.92
N ASN C 63 -14.96 2.27 16.13
CA ASN C 63 -14.02 2.38 17.25
C ASN C 63 -12.72 1.65 16.99
N LEU C 64 -11.60 2.29 17.35
CA LEU C 64 -10.27 1.70 17.22
C LEU C 64 -9.39 2.05 18.40
N CYS C 65 -8.84 1.02 19.04
CA CYS C 65 -7.74 1.16 19.99
C CYS C 65 -6.51 0.50 19.39
N VAL C 66 -5.37 1.22 19.42
CA VAL C 66 -4.10 0.68 19.00
C VAL C 66 -3.19 0.57 20.23
N LEU C 67 -2.58 -0.59 20.38
CA LEU C 67 -1.68 -0.90 21.48
C LEU C 67 -0.29 -1.11 20.90
N LEU C 68 0.72 -0.51 21.52
CA LEU C 68 2.11 -0.75 21.11
C LEU C 68 2.79 -1.68 22.12
N TYR C 69 3.37 -2.76 21.60
CA TYR C 69 4.06 -3.75 22.42
C TYR C 69 5.57 -3.70 22.21
N ARG C 70 6.30 -3.92 23.29
CA ARG C 70 7.75 -4.09 23.26
C ARG C 70 8.07 -5.39 23.99
N SER C 71 8.64 -6.34 23.27
CA SER C 71 9.09 -7.60 23.87
C SER C 71 8.05 -8.23 24.79
N GLY C 72 6.80 -8.23 24.33
CA GLY C 72 5.72 -8.91 25.03
C GLY C 72 4.97 -8.09 26.06
N VAL C 73 5.36 -6.83 26.24
CA VAL C 73 4.72 -5.96 27.24
C VAL C 73 4.05 -4.79 26.53
N LYS C 74 2.81 -4.52 26.92
CA LYS C 74 2.06 -3.38 26.42
C LYS C 74 2.64 -2.07 26.95
N VAL C 75 3.08 -1.21 26.06
CA VAL C 75 3.72 0.05 26.41
C VAL C 75 2.72 1.18 26.51
N VAL C 76 1.94 1.39 25.45
CA VAL C 76 0.94 2.45 25.40
C VAL C 76 -0.28 2.02 24.60
N THR C 77 -1.43 2.61 24.89
CA THR C 77 -2.69 2.35 24.19
C THR C 77 -3.38 3.68 23.91
N PHE C 78 -3.87 3.86 22.68
CA PHE C 78 -4.67 5.04 22.35
C PHE C 78 -5.92 4.64 21.58
N CYS C 79 -7.05 5.23 21.97
CA CYS C 79 -8.35 4.88 21.42
C CYS C 79 -9.07 6.08 20.84
N GLY C 80 -9.75 5.85 19.73
CA GLY C 80 -10.61 6.86 19.14
C GLY C 80 -11.94 6.22 18.80
N HIS C 81 -13.02 6.89 19.16
CA HIS C 81 -14.37 6.40 18.89
C HIS C 81 -15.00 7.23 17.80
N THR C 82 -15.65 6.56 16.86
CA THR C 82 -16.33 7.24 15.77
C THR C 82 -17.49 6.40 15.28
N SER C 83 -18.50 7.08 14.74
CA SER C 83 -19.66 6.45 14.14
C SER C 83 -19.75 6.86 12.68
N LYS C 84 -19.49 5.90 11.79
CA LYS C 84 -19.60 6.03 10.34
C LYS C 84 -18.55 6.93 9.69
N THR C 85 -18.32 8.11 10.26
CA THR C 85 -17.38 9.06 9.68
C THR C 85 -15.92 8.69 10.04
N ASN C 86 -14.98 9.27 9.32
CA ASN C 86 -13.58 8.85 9.34
C ASN C 86 -12.74 9.74 10.24
N GLN C 87 -11.87 9.13 11.05
CA GLN C 87 -10.92 9.88 11.87
C GLN C 87 -9.57 9.17 11.85
N VAL C 88 -8.56 9.82 12.40
CA VAL C 88 -7.22 9.25 12.47
C VAL C 88 -6.80 9.10 13.92
N ASN C 89 -6.48 7.86 14.30
CA ASN C 89 -5.94 7.53 15.62
C ASN C 89 -4.42 7.56 15.51
N SER C 90 -3.77 8.35 16.36
N SER C 90 -3.76 8.36 16.35
CA SER C 90 -2.32 8.44 16.38
CA SER C 90 -2.30 8.44 16.34
C SER C 90 -1.75 8.04 17.74
C SER C 90 -1.69 8.18 17.72
N GLY C 91 -0.49 7.61 17.71
CA GLY C 91 0.22 7.28 18.94
C GLY C 91 1.69 7.13 18.63
N GLY C 92 2.52 7.19 19.67
CA GLY C 92 3.95 7.14 19.47
C GLY C 92 4.70 7.16 20.77
N VAL C 93 5.96 6.75 20.73
CA VAL C 93 6.80 6.62 21.92
C VAL C 93 8.27 6.48 21.53
N LEU C 94 9.16 6.89 22.43
CA LEU C 94 10.59 6.71 22.29
C LEU C 94 11.05 5.57 23.21
N LEU C 95 11.79 4.62 22.64
CA LEU C 95 12.23 3.44 23.38
C LEU C 95 13.69 3.12 23.09
N ARG C 96 14.45 2.82 24.14
CA ARG C 96 15.83 2.39 23.99
C ARG C 96 15.86 0.86 23.96
N LEU C 97 16.18 0.31 22.79
CA LEU C 97 16.06 -1.13 22.56
C LEU C 97 17.40 -1.86 22.50
N GLN C 98 17.39 -3.11 22.93
CA GLN C 98 18.54 -4.02 22.77
C GLN C 98 18.34 -4.88 21.52
N VAL C 99 19.44 -5.42 21.00
CA VAL C 99 19.40 -6.32 19.85
C VAL C 99 18.41 -7.46 20.10
N GLY C 100 17.54 -7.71 19.12
CA GLY C 100 16.62 -8.83 19.18
C GLY C 100 15.24 -8.49 19.73
N GLU C 101 15.11 -7.31 20.34
CA GLU C 101 13.80 -6.90 20.85
C GLU C 101 12.79 -6.65 19.74
N GLU C 102 11.57 -7.09 19.99
CA GLU C 102 10.48 -6.95 19.03
C GLU C 102 9.54 -5.82 19.44
N VAL C 103 9.06 -5.08 18.44
CA VAL C 103 8.03 -4.05 18.63
C VAL C 103 6.93 -4.27 17.62
N TRP C 104 5.68 -4.15 18.05
CA TRP C 104 4.54 -4.30 17.13
C TRP C 104 3.34 -3.54 17.64
N LEU C 105 2.34 -3.40 16.76
CA LEU C 105 1.06 -2.81 17.10
C LEU C 105 0.00 -3.90 17.12
N ALA C 106 -1.02 -3.69 17.95
CA ALA C 106 -2.12 -4.61 18.10
C ALA C 106 -3.42 -3.84 18.32
N VAL C 107 -4.54 -4.52 18.12
CA VAL C 107 -5.86 -4.00 18.45
C VAL C 107 -6.48 -4.82 19.57
N ASN C 108 -7.47 -4.25 20.24
CA ASN C 108 -8.24 -4.99 21.25
C ASN C 108 -9.63 -5.32 20.69
N ASP C 109 -10.69 -5.14 21.46
CA ASP C 109 -12.05 -5.36 20.95
C ASP C 109 -12.50 -4.25 20.02
N TYR C 110 -11.81 -3.11 20.07
CA TYR C 110 -12.05 -2.02 19.14
C TYR C 110 -10.96 -2.07 18.07
N TYR C 111 -11.34 -2.59 16.90
CA TYR C 111 -10.36 -3.08 15.92
C TYR C 111 -10.49 -2.46 14.53
N ASP C 112 -11.36 -1.47 14.37
CA ASP C 112 -11.62 -0.94 13.03
C ASP C 112 -10.47 -0.16 12.43
N MET C 113 -10.05 -0.56 11.23
CA MET C 113 -9.08 0.21 10.45
C MET C 113 -9.59 0.43 9.03
N VAL C 114 -10.89 0.62 8.90
CA VAL C 114 -11.49 0.78 7.58
C VAL C 114 -11.62 2.27 7.27
N GLY C 115 -10.59 2.82 6.65
CA GLY C 115 -10.61 4.22 6.26
C GLY C 115 -11.47 4.43 5.02
N ILE C 116 -12.01 5.63 4.86
CA ILE C 116 -12.66 6.03 3.62
C ILE C 116 -11.61 6.16 2.53
N GLN C 117 -12.05 6.30 1.28
N GLN C 117 -12.06 6.34 1.29
CA GLN C 117 -11.17 6.58 0.15
CA GLN C 117 -11.18 6.56 0.15
C GLN C 117 -10.27 7.76 0.50
C GLN C 117 -10.28 7.77 0.39
N GLY C 118 -8.97 7.55 0.35
CA GLY C 118 -8.00 8.59 0.58
C GLY C 118 -7.57 8.75 2.03
N SER C 119 -7.98 7.83 2.91
CA SER C 119 -7.52 7.85 4.30
C SER C 119 -6.88 6.52 4.67
N ASP C 120 -5.57 6.55 4.93
CA ASP C 120 -4.75 5.35 5.05
C ASP C 120 -4.22 5.13 6.47
N SER C 121 -3.49 4.04 6.67
CA SER C 121 -2.87 3.72 7.97
C SER C 121 -1.40 3.44 7.76
N VAL C 122 -0.59 4.06 8.61
CA VAL C 122 0.87 4.01 8.48
C VAL C 122 1.51 3.78 9.86
N PHE C 123 2.67 3.13 9.83
CA PHE C 123 3.49 2.89 11.03
C PHE C 123 4.94 3.14 10.63
N SER C 124 5.59 4.02 11.37
CA SER C 124 6.99 4.39 11.12
C SER C 124 7.84 4.18 12.36
N GLY C 125 9.13 3.93 12.14
CA GLY C 125 10.11 3.85 13.23
C GLY C 125 11.48 4.22 12.72
N PHE C 126 12.29 4.83 13.57
CA PHE C 126 13.67 5.08 13.19
C PHE C 126 14.59 5.20 14.39
N LEU C 127 15.83 4.77 14.17
CA LEU C 127 16.89 4.90 15.16
C LEU C 127 17.40 6.33 15.16
N LEU C 128 17.42 6.94 16.34
CA LEU C 128 17.97 8.29 16.47
C LEU C 128 19.37 8.28 17.09
N PHE C 129 19.57 7.50 18.15
CA PHE C 129 20.88 7.42 18.83
C PHE C 129 21.34 5.97 19.00
N PRO C 130 22.28 5.51 18.16
CA PRO C 130 22.81 4.16 18.33
C PRO C 130 23.59 4.01 19.63
N ASP C 131 23.46 2.85 20.27
CA ASP C 131 24.32 2.50 21.41
C ASP C 131 24.84 1.08 21.32
N GLN D 1 13.05 -32.69 -7.78
CA GLN D 1 13.04 -31.19 -7.74
C GLN D 1 11.61 -30.65 -7.67
N PRO D 2 11.38 -29.62 -6.82
CA PRO D 2 10.04 -29.08 -6.59
C PRO D 2 9.39 -28.48 -7.83
N ARG D 3 8.13 -28.84 -8.07
CA ARG D 3 7.35 -28.30 -9.18
C ARG D 3 5.92 -27.88 -8.78
N PRO D 4 5.77 -27.10 -7.68
CA PRO D 4 4.41 -26.78 -7.23
C PRO D 4 3.72 -25.78 -8.13
N ALA D 5 2.57 -26.17 -8.67
CA ALA D 5 1.80 -25.34 -9.60
C ALA D 5 0.40 -25.89 -9.72
N PHE D 6 -0.59 -25.01 -9.75
CA PHE D 6 -1.98 -25.45 -9.86
C PHE D 6 -2.84 -24.45 -10.63
N SER D 7 -3.94 -24.97 -11.17
CA SER D 7 -5.09 -24.17 -11.59
C SER D 7 -6.35 -24.94 -11.25
N ALA D 8 -7.36 -24.23 -10.76
CA ALA D 8 -8.65 -24.82 -10.44
C ALA D 8 -9.77 -23.89 -10.85
N ILE D 9 -10.90 -24.47 -11.23
CA ILE D 9 -12.04 -23.72 -11.71
C ILE D 9 -13.29 -24.03 -10.91
N ARG D 10 -14.36 -23.29 -11.19
CA ARG D 10 -15.65 -23.55 -10.54
C ARG D 10 -16.60 -24.32 -11.45
N ARG D 11 -17.20 -25.37 -10.91
N ARG D 11 -17.18 -25.39 -10.92
CA ARG D 11 -18.24 -26.13 -11.60
CA ARG D 11 -18.15 -26.20 -11.67
C ARG D 11 -19.39 -26.43 -10.65
C ARG D 11 -19.30 -26.58 -10.77
N ASN D 12 -19.14 -27.30 -9.68
N ASN D 12 -18.97 -27.19 -9.63
CA ASN D 12 -20.08 -27.48 -8.59
CA ASN D 12 -19.96 -27.53 -8.62
C ASN D 12 -19.42 -27.19 -7.24
C ASN D 12 -19.42 -27.19 -7.22
N PRO D 13 -19.23 -25.89 -6.93
CA PRO D 13 -18.55 -25.52 -5.69
C PRO D 13 -19.47 -25.53 -4.48
N PRO D 14 -18.95 -25.96 -3.31
CA PRO D 14 -19.69 -25.81 -2.08
C PRO D 14 -19.81 -24.32 -1.78
N MET D 15 -21.04 -23.87 -1.49
N MET D 15 -21.03 -23.86 -1.53
CA MET D 15 -21.29 -22.46 -1.19
CA MET D 15 -21.26 -22.46 -1.19
C MET D 15 -21.44 -22.25 0.32
C MET D 15 -21.36 -22.26 0.31
N GLY D 16 -21.32 -21.00 0.75
CA GLY D 16 -21.35 -20.66 2.16
C GLY D 16 -19.97 -20.19 2.58
N GLY D 17 -19.93 -19.11 3.35
CA GLY D 17 -18.67 -18.52 3.77
C GLY D 17 -18.10 -17.64 2.68
N ASN D 18 -17.02 -16.95 3.02
CA ASN D 18 -16.44 -15.97 2.11
C ASN D 18 -15.21 -16.45 1.37
N VAL D 19 -14.74 -17.65 1.70
CA VAL D 19 -13.67 -18.29 0.94
C VAL D 19 -14.27 -18.82 -0.37
N VAL D 20 -13.69 -18.41 -1.50
CA VAL D 20 -14.16 -18.84 -2.82
C VAL D 20 -13.52 -20.19 -3.15
N ILE D 21 -14.34 -21.24 -3.19
CA ILE D 21 -13.86 -22.58 -3.47
C ILE D 21 -13.87 -22.86 -4.98
N PHE D 22 -12.70 -23.17 -5.53
CA PHE D 22 -12.59 -23.61 -6.91
C PHE D 22 -12.50 -25.14 -6.87
N ASP D 23 -13.64 -25.77 -7.12
CA ASP D 23 -13.82 -27.20 -6.81
C ASP D 23 -13.22 -28.17 -7.83
N THR D 24 -13.00 -27.69 -9.06
CA THR D 24 -12.60 -28.56 -10.15
C THR D 24 -11.15 -28.28 -10.53
N VAL D 25 -10.29 -29.27 -10.28
CA VAL D 25 -8.87 -29.13 -10.51
C VAL D 25 -8.53 -29.38 -11.98
N ILE D 26 -7.78 -28.45 -12.58
CA ILE D 26 -7.24 -28.62 -13.91
C ILE D 26 -5.81 -29.17 -13.82
N THR D 27 -5.00 -28.55 -12.98
CA THR D 27 -3.62 -28.96 -12.74
C THR D 27 -3.33 -28.77 -11.26
N ASN D 28 -2.54 -29.67 -10.67
CA ASN D 28 -2.22 -29.62 -9.25
C ASN D 28 -0.94 -30.40 -8.97
N GLN D 29 0.16 -29.97 -9.58
CA GLN D 29 1.44 -30.64 -9.42
C GLN D 29 1.96 -30.46 -7.99
N GLU D 30 2.27 -31.60 -7.37
CA GLU D 30 2.62 -31.70 -5.93
C GLU D 30 1.41 -31.60 -5.00
N GLU D 31 0.21 -31.54 -5.59
N GLU D 31 0.21 -31.52 -5.60
CA GLU D 31 -1.06 -31.40 -4.87
CA GLU D 31 -1.05 -31.41 -4.87
C GLU D 31 -1.09 -30.34 -3.75
C GLU D 31 -1.09 -30.35 -3.75
N PRO D 32 -0.54 -29.14 -4.01
CA PRO D 32 -0.57 -28.12 -2.94
C PRO D 32 -1.97 -27.54 -2.72
N TYR D 33 -2.82 -27.59 -3.74
CA TYR D 33 -4.15 -26.98 -3.68
C TYR D 33 -5.22 -27.97 -3.22
N GLN D 34 -6.08 -27.53 -2.30
CA GLN D 34 -7.17 -28.35 -1.76
C GLN D 34 -8.50 -27.91 -2.37
N ASN D 35 -9.06 -28.75 -3.25
CA ASN D 35 -10.29 -28.42 -3.95
C ASN D 35 -11.54 -28.40 -3.07
N HIS D 36 -11.46 -29.02 -1.88
CA HIS D 36 -12.57 -29.03 -0.94
C HIS D 36 -12.68 -27.72 -0.12
N SER D 37 -11.56 -27.01 0.00
CA SER D 37 -11.50 -25.82 0.85
C SER D 37 -11.18 -24.53 0.11
N GLY D 38 -10.61 -24.65 -1.09
CA GLY D 38 -10.17 -23.49 -1.85
C GLY D 38 -8.81 -22.97 -1.44
N ARG D 39 -8.11 -23.73 -0.59
CA ARG D 39 -6.84 -23.27 -0.04
C ARG D 39 -5.63 -23.94 -0.67
N PHE D 40 -4.65 -23.10 -1.03
CA PHE D 40 -3.33 -23.56 -1.40
C PHE D 40 -2.50 -23.65 -0.12
N VAL D 41 -1.71 -24.72 0.01
CA VAL D 41 -0.82 -24.91 1.16
C VAL D 41 0.63 -24.93 0.67
N CYS D 42 1.47 -24.09 1.29
CA CYS D 42 2.88 -24.05 0.95
C CYS D 42 3.67 -25.19 1.61
N THR D 43 4.35 -25.99 0.80
CA THR D 43 5.33 -26.95 1.29
C THR D 43 6.74 -26.42 1.10
N VAL D 44 7.03 -25.96 -0.12
CA VAL D 44 8.35 -25.46 -0.47
C VAL D 44 8.38 -23.95 -0.23
N PRO D 45 9.16 -23.50 0.77
CA PRO D 45 9.25 -22.05 1.03
C PRO D 45 9.86 -21.32 -0.16
N GLY D 46 9.34 -20.13 -0.46
CA GLY D 46 9.86 -19.35 -1.56
C GLY D 46 8.88 -18.32 -2.08
N TYR D 47 9.20 -17.79 -3.27
CA TYR D 47 8.38 -16.78 -3.91
C TYR D 47 7.46 -17.44 -4.92
N TYR D 48 6.17 -17.16 -4.76
CA TYR D 48 5.10 -17.75 -5.59
C TYR D 48 4.35 -16.64 -6.30
N TYR D 49 3.80 -16.96 -7.47
CA TYR D 49 2.84 -16.05 -8.11
C TYR D 49 1.44 -16.64 -8.00
N PHE D 50 0.48 -15.81 -7.60
CA PHE D 50 -0.93 -16.20 -7.53
C PHE D 50 -1.76 -15.24 -8.34
N THR D 51 -2.78 -15.77 -9.00
CA THR D 51 -3.64 -14.95 -9.82
C THR D 51 -5.03 -15.56 -9.98
N PHE D 52 -6.03 -14.72 -10.19
CA PHE D 52 -7.38 -15.21 -10.48
C PHE D 52 -7.99 -14.41 -11.60
N GLN D 53 -8.94 -15.03 -12.30
CA GLN D 53 -9.76 -14.39 -13.31
C GLN D 53 -11.14 -14.97 -13.09
N VAL D 54 -12.02 -14.15 -12.51
CA VAL D 54 -13.31 -14.64 -12.03
C VAL D 54 -14.47 -13.89 -12.67
N LEU D 55 -15.49 -14.65 -13.04
CA LEU D 55 -16.62 -14.15 -13.79
C LEU D 55 -17.78 -13.73 -12.88
N SER D 56 -18.26 -12.50 -13.08
CA SER D 56 -19.42 -11.98 -12.39
C SER D 56 -20.40 -11.39 -13.39
N GLN D 57 -21.63 -11.17 -12.95
CA GLN D 57 -22.60 -10.43 -13.76
C GLN D 57 -23.14 -9.20 -13.02
N TRP D 58 -22.75 -9.06 -11.75
CA TRP D 58 -23.31 -7.99 -10.92
C TRP D 58 -22.23 -7.17 -10.22
N GLU D 59 -22.01 -7.41 -8.92
CA GLU D 59 -20.90 -6.78 -8.20
C GLU D 59 -20.03 -7.84 -7.56
N ILE D 60 -18.72 -7.68 -7.73
N ILE D 60 -18.72 -7.70 -7.72
CA ILE D 60 -17.76 -8.61 -7.16
CA ILE D 60 -17.75 -8.64 -7.16
C ILE D 60 -16.53 -7.85 -6.67
C ILE D 60 -16.50 -7.91 -6.70
N CYS D 61 -16.07 -8.20 -5.47
CA CYS D 61 -14.78 -7.74 -4.96
C CYS D 61 -14.09 -8.95 -4.37
N LEU D 62 -12.87 -9.22 -4.83
CA LEU D 62 -12.09 -10.38 -4.41
C LEU D 62 -10.71 -9.98 -3.93
N SER D 63 -10.16 -10.78 -3.02
CA SER D 63 -8.83 -10.56 -2.50
C SER D 63 -8.09 -11.89 -2.41
N ILE D 64 -6.81 -11.88 -2.79
CA ILE D 64 -5.92 -12.99 -2.48
C ILE D 64 -5.37 -12.76 -1.08
N VAL D 65 -5.71 -13.67 -0.18
N VAL D 65 -5.70 -13.65 -0.16
CA VAL D 65 -5.40 -13.63 1.24
CA VAL D 65 -5.30 -13.53 1.24
C VAL D 65 -4.39 -14.74 1.56
C VAL D 65 -4.48 -14.75 1.63
N SER D 66 -3.66 -14.61 2.66
CA SER D 66 -2.82 -15.70 3.13
C SER D 66 -2.90 -15.85 4.64
N SER D 67 -2.30 -16.93 5.14
CA SER D 67 -2.16 -17.10 6.57
C SER D 67 -0.77 -17.57 6.90
N SER D 68 -0.33 -17.20 8.10
N SER D 68 -0.35 -17.25 8.12
CA SER D 68 0.90 -17.69 8.70
CA SER D 68 0.90 -17.74 8.65
C SER D 68 0.57 -18.14 10.12
C SER D 68 0.64 -18.13 10.11
N ARG D 69 0.93 -19.38 10.44
CA ARG D 69 0.63 -19.95 11.76
C ARG D 69 -0.88 -19.85 12.07
N GLY D 70 -1.70 -19.96 11.01
CA GLY D 70 -3.14 -19.84 11.12
C GLY D 70 -3.71 -18.43 11.24
N GLN D 71 -2.83 -17.43 11.29
N GLN D 71 -2.82 -17.43 11.30
CA GLN D 71 -3.23 -16.03 11.41
CA GLN D 71 -3.23 -16.03 11.43
C GLN D 71 -3.43 -15.41 10.04
C GLN D 71 -3.43 -15.41 10.04
N VAL D 72 -4.60 -14.82 9.83
CA VAL D 72 -4.98 -14.28 8.54
C VAL D 72 -4.23 -12.98 8.22
N ARG D 73 -3.75 -12.89 6.98
CA ARG D 73 -3.03 -11.73 6.47
C ARG D 73 -3.83 -11.13 5.30
N ARG D 74 -4.55 -10.05 5.58
CA ARG D 74 -5.39 -9.38 4.59
C ARG D 74 -4.54 -8.63 3.58
N SER D 75 -5.10 -8.35 2.41
CA SER D 75 -4.31 -7.78 1.33
C SER D 75 -5.16 -6.95 0.39
N LEU D 76 -4.60 -6.66 -0.78
CA LEU D 76 -5.27 -5.86 -1.80
C LEU D 76 -6.52 -6.55 -2.33
N GLY D 77 -7.41 -5.74 -2.88
CA GLY D 77 -8.62 -6.25 -3.47
C GLY D 77 -8.75 -5.81 -4.92
N PHE D 78 -9.65 -6.47 -5.63
CA PHE D 78 -9.92 -6.20 -7.04
C PHE D 78 -11.40 -6.40 -7.28
N CYS D 79 -12.04 -5.39 -7.88
CA CYS D 79 -13.49 -5.39 -8.05
C CYS D 79 -13.97 -5.13 -9.48
N ASP D 80 -15.13 -5.68 -9.79
CA ASP D 80 -15.90 -5.21 -10.93
C ASP D 80 -17.32 -4.92 -10.44
N THR D 81 -17.73 -3.66 -10.56
CA THR D 81 -19.05 -3.25 -10.09
C THR D 81 -19.94 -2.71 -11.20
N THR D 82 -19.67 -3.12 -12.44
CA THR D 82 -20.48 -2.72 -13.60
C THR D 82 -21.98 -2.90 -13.33
N ASN D 83 -22.34 -4.06 -12.77
CA ASN D 83 -23.68 -4.28 -12.23
C ASN D 83 -24.81 -4.19 -13.26
N LYS D 84 -24.58 -4.75 -14.45
CA LYS D 84 -25.55 -4.66 -15.53
C LYS D 84 -26.11 -5.99 -16.01
N GLY D 85 -25.68 -7.08 -15.37
CA GLY D 85 -26.19 -8.42 -15.71
C GLY D 85 -25.39 -9.11 -16.79
N LEU D 86 -24.38 -8.43 -17.32
CA LEU D 86 -23.54 -8.98 -18.38
C LEU D 86 -22.22 -9.45 -17.81
N PHE D 87 -21.66 -10.49 -18.42
CA PHE D 87 -20.38 -11.07 -18.00
C PHE D 87 -19.26 -10.05 -17.90
N GLN D 88 -18.59 -10.02 -16.76
CA GLN D 88 -17.35 -9.25 -16.58
C GLN D 88 -16.35 -10.12 -15.86
N VAL D 89 -15.09 -10.05 -16.29
CA VAL D 89 -14.02 -10.79 -15.62
C VAL D 89 -13.22 -9.85 -14.73
N VAL D 90 -13.28 -10.09 -13.43
CA VAL D 90 -12.41 -9.40 -12.49
C VAL D 90 -11.12 -10.21 -12.36
N SER D 91 -9.99 -9.52 -12.29
CA SER D 91 -8.71 -10.19 -12.23
C SER D 91 -7.79 -9.51 -11.23
N GLY D 92 -6.81 -10.27 -10.75
CA GLY D 92 -5.83 -9.75 -9.82
C GLY D 92 -4.74 -10.78 -9.65
N GLY D 93 -3.62 -10.36 -9.09
CA GLY D 93 -2.51 -11.26 -8.89
C GLY D 93 -1.39 -10.58 -8.15
N MET D 94 -0.51 -11.37 -7.54
N MET D 94 -0.51 -11.37 -7.56
CA MET D 94 0.65 -10.86 -6.82
CA MET D 94 0.68 -10.86 -6.88
C MET D 94 1.67 -11.95 -6.53
C MET D 94 1.68 -11.97 -6.58
N VAL D 95 2.92 -11.54 -6.36
CA VAL D 95 3.95 -12.41 -5.84
C VAL D 95 3.80 -12.43 -4.31
N LEU D 96 3.86 -13.63 -3.72
CA LEU D 96 3.91 -13.79 -2.27
C LEU D 96 5.13 -14.62 -1.90
N GLN D 97 5.88 -14.13 -0.90
CA GLN D 97 6.91 -14.93 -0.26
C GLN D 97 6.24 -15.75 0.84
N LEU D 98 6.36 -17.07 0.75
CA LEU D 98 5.69 -17.95 1.70
C LEU D 98 6.64 -18.84 2.47
N GLN D 99 6.22 -19.17 3.70
N GLN D 99 6.21 -19.17 3.70
CA GLN D 99 6.91 -20.15 4.52
CA GLN D 99 6.90 -20.14 4.53
C GLN D 99 6.13 -21.46 4.51
C GLN D 99 6.12 -21.45 4.54
N GLN D 100 6.80 -22.54 4.90
CA GLN D 100 6.20 -23.85 5.04
C GLN D 100 4.95 -23.78 5.92
N GLY D 101 3.82 -24.25 5.40
CA GLY D 101 2.57 -24.23 6.15
C GLY D 101 1.66 -23.05 5.92
N ASP D 102 2.19 -22.00 5.26
CA ASP D 102 1.35 -20.85 4.93
C ASP D 102 0.28 -21.30 3.96
N GLN D 103 -0.91 -20.71 4.07
CA GLN D 103 -1.99 -21.01 3.15
C GLN D 103 -2.36 -19.76 2.39
N VAL D 104 -2.93 -19.95 1.20
CA VAL D 104 -3.31 -18.86 0.31
C VAL D 104 -4.67 -19.19 -0.29
N TRP D 105 -5.57 -18.22 -0.33
CA TRP D 105 -6.90 -18.43 -0.90
C TRP D 105 -7.50 -17.12 -1.41
N VAL D 106 -8.62 -17.25 -2.12
CA VAL D 106 -9.36 -16.12 -2.63
C VAL D 106 -10.57 -15.90 -1.73
N GLU D 107 -10.74 -14.67 -1.27
N GLU D 107 -10.76 -14.66 -1.30
CA GLU D 107 -11.92 -14.32 -0.51
CA GLU D 107 -11.89 -14.32 -0.43
C GLU D 107 -12.78 -13.33 -1.24
C GLU D 107 -12.76 -13.21 -1.02
N LYS D 108 -14.08 -13.41 -0.98
CA LYS D 108 -15.02 -12.44 -1.50
C LYS D 108 -15.52 -11.50 -0.41
N ASP D 109 -15.86 -10.28 -0.84
CA ASP D 109 -16.54 -9.29 -0.03
C ASP D 109 -17.96 -9.80 0.21
N PRO D 110 -18.40 -9.96 1.49
CA PRO D 110 -19.76 -10.45 1.73
C PRO D 110 -20.85 -9.58 1.10
N LYS D 111 -20.54 -8.31 0.88
CA LYS D 111 -21.49 -7.37 0.30
C LYS D 111 -21.41 -7.29 -1.23
N LYS D 112 -20.30 -7.77 -1.80
CA LYS D 112 -20.09 -7.76 -3.25
C LYS D 112 -19.47 -9.08 -3.67
N GLY D 113 -20.30 -10.11 -3.81
CA GLY D 113 -19.82 -11.46 -3.97
C GLY D 113 -20.44 -12.29 -5.08
N HIS D 114 -20.96 -11.64 -6.11
CA HIS D 114 -21.59 -12.41 -7.19
C HIS D 114 -20.56 -13.07 -8.09
N ILE D 115 -20.61 -14.40 -8.13
CA ILE D 115 -19.79 -15.19 -9.03
C ILE D 115 -20.73 -16.02 -9.89
N TYR D 116 -20.56 -15.93 -11.20
CA TYR D 116 -21.37 -16.68 -12.15
C TYR D 116 -21.34 -18.18 -11.87
N GLN D 117 -22.51 -18.82 -11.94
N GLN D 117 -22.52 -18.80 -11.93
CA GLN D 117 -22.62 -20.27 -11.81
CA GLN D 117 -22.67 -20.24 -11.83
C GLN D 117 -23.36 -20.84 -13.02
C GLN D 117 -23.34 -20.75 -13.09
N GLY D 118 -22.65 -21.66 -13.78
CA GLY D 118 -23.21 -22.27 -14.99
C GLY D 118 -22.14 -22.76 -15.95
N SER D 119 -22.58 -23.16 -17.14
CA SER D 119 -21.74 -23.85 -18.11
C SER D 119 -21.19 -22.97 -19.23
N GLU D 120 -21.66 -21.73 -19.33
CA GLU D 120 -21.30 -20.85 -20.45
C GLU D 120 -19.84 -20.41 -20.44
N ALA D 121 -19.30 -20.18 -19.25
CA ALA D 121 -17.95 -19.67 -19.10
C ALA D 121 -17.39 -19.96 -17.72
N ASP D 122 -16.09 -19.70 -17.54
CA ASP D 122 -15.35 -20.20 -16.39
C ASP D 122 -14.65 -19.13 -15.55
N SER D 123 -14.37 -19.49 -14.28
CA SER D 123 -13.58 -18.69 -13.35
C SER D 123 -12.42 -19.56 -12.88
N VAL D 124 -11.25 -18.95 -12.71
N VAL D 124 -11.26 -18.96 -12.71
CA VAL D 124 -10.00 -19.67 -12.47
CA VAL D 124 -10.04 -19.72 -12.42
C VAL D 124 -9.18 -19.05 -11.33
C VAL D 124 -9.14 -19.06 -11.38
N PHE D 125 -8.51 -19.91 -10.56
CA PHE D 125 -7.51 -19.50 -9.56
C PHE D 125 -6.26 -20.33 -9.87
N SER D 126 -5.12 -19.66 -9.98
N SER D 126 -5.11 -19.67 -9.99
CA SER D 126 -3.84 -20.29 -10.33
CA SER D 126 -3.86 -20.37 -10.28
C SER D 126 -2.70 -19.84 -9.41
C SER D 126 -2.70 -19.83 -9.47
N GLY D 127 -1.68 -20.68 -9.30
CA GLY D 127 -0.49 -20.32 -8.54
C GLY D 127 0.66 -21.22 -8.90
N PHE D 128 1.87 -20.70 -8.77
CA PHE D 128 3.07 -21.48 -9.04
C PHE D 128 4.26 -20.90 -8.35
N LEU D 129 5.21 -21.78 -8.03
CA LEU D 129 6.50 -21.38 -7.49
C LEU D 129 7.31 -20.65 -8.56
N ILE D 130 7.88 -19.50 -8.19
CA ILE D 130 8.81 -18.75 -9.04
C ILE D 130 10.24 -19.18 -8.73
N PHE D 131 10.64 -19.06 -7.46
CA PHE D 131 11.90 -19.68 -7.01
C PHE D 131 11.87 -20.00 -5.51
N PRO D 132 12.50 -21.12 -5.12
CA PRO D 132 12.55 -21.45 -3.70
C PRO D 132 13.52 -20.55 -2.94
N SER D 133 13.28 -20.42 -1.64
CA SER D 133 14.09 -19.56 -0.76
C SER D 133 13.91 -18.06 -1.03
N ALA D 134 14.86 -17.32 -1.28
N GLN E 3 16.43 -25.33 -20.41
CA GLN E 3 15.10 -25.43 -21.09
C GLN E 3 14.35 -24.08 -21.08
N LYS E 4 14.72 -23.20 -22.01
CA LYS E 4 14.17 -21.84 -22.05
C LYS E 4 13.07 -21.71 -23.10
N ILE E 5 11.82 -21.85 -22.66
CA ILE E 5 10.67 -21.86 -23.55
C ILE E 5 9.65 -20.81 -23.12
N ALA E 6 9.43 -19.81 -23.98
CA ALA E 6 8.50 -18.72 -23.69
C ALA E 6 8.11 -18.01 -24.97
N PHE E 7 6.84 -17.61 -25.07
CA PHE E 7 6.40 -16.83 -26.21
C PHE E 7 5.40 -15.77 -25.79
N SER E 8 5.45 -14.64 -26.49
CA SER E 8 4.45 -13.59 -26.43
C SER E 8 4.21 -13.13 -27.85
N ALA E 9 2.95 -13.14 -28.28
CA ALA E 9 2.62 -12.70 -29.64
C ALA E 9 1.33 -11.89 -29.63
N THR E 10 1.32 -10.80 -30.39
CA THR E 10 0.13 -9.97 -30.52
C THR E 10 -0.59 -10.27 -31.82
N ARG E 11 -1.86 -9.87 -31.88
CA ARG E 11 -2.67 -10.01 -33.08
C ARG E 11 -2.83 -8.66 -33.74
N THR E 12 -2.48 -8.59 -35.01
CA THR E 12 -2.64 -7.35 -35.79
C THR E 12 -3.66 -7.53 -36.92
N ILE E 13 -4.27 -8.71 -36.99
N ILE E 13 -4.27 -8.71 -36.99
CA ILE E 13 -5.29 -9.05 -37.98
CA ILE E 13 -5.28 -9.03 -38.00
C ILE E 13 -6.67 -8.61 -37.50
C ILE E 13 -6.65 -8.50 -37.58
N PRO E 16 -12.94 -10.41 -39.39
CA PRO E 16 -13.79 -11.02 -38.36
C PRO E 16 -13.53 -12.53 -38.22
N LEU E 17 -13.49 -13.00 -36.98
CA LEU E 17 -13.33 -14.43 -36.69
C LEU E 17 -14.65 -15.17 -36.81
N ARG E 18 -14.58 -16.41 -37.28
CA ARG E 18 -15.74 -17.29 -37.33
C ARG E 18 -15.68 -18.30 -36.19
N ARG E 19 -16.82 -18.86 -35.82
CA ARG E 19 -16.88 -19.89 -34.77
C ARG E 19 -15.94 -21.06 -35.08
N ASP E 20 -15.24 -21.52 -34.04
CA ASP E 20 -14.32 -22.67 -34.10
C ASP E 20 -12.99 -22.39 -34.81
N GLN E 21 -12.81 -21.14 -35.27
CA GLN E 21 -11.56 -20.73 -35.89
C GLN E 21 -10.47 -20.51 -34.84
N THR E 22 -9.28 -21.03 -35.13
CA THR E 22 -8.11 -20.79 -34.30
C THR E 22 -7.73 -19.31 -34.39
N ILE E 23 -7.50 -18.68 -33.25
CA ILE E 23 -7.15 -17.26 -33.21
C ILE E 23 -5.65 -17.07 -33.39
N ARG E 24 -5.27 -16.48 -34.52
CA ARG E 24 -3.89 -16.24 -34.85
C ARG E 24 -3.36 -14.97 -34.19
N PHE E 25 -2.24 -15.09 -33.50
CA PHE E 25 -1.50 -13.95 -32.98
C PHE E 25 -0.22 -13.88 -33.80
N ASP E 26 -0.26 -13.03 -34.83
CA ASP E 26 0.70 -13.05 -35.94
C ASP E 26 2.04 -12.38 -35.65
N HIS E 27 2.07 -11.45 -34.69
CA HIS E 27 3.25 -10.64 -34.43
C HIS E 27 4.01 -11.12 -33.20
N VAL E 28 5.17 -11.72 -33.42
N VAL E 28 5.19 -11.68 -33.42
CA VAL E 28 5.98 -12.24 -32.32
CA VAL E 28 6.00 -12.25 -32.34
C VAL E 28 6.75 -11.13 -31.62
C VAL E 28 6.81 -11.18 -31.61
N ILE E 29 6.60 -11.09 -30.30
CA ILE E 29 7.42 -10.24 -29.44
C ILE E 29 8.57 -11.11 -28.92
N THR E 30 8.20 -12.30 -28.44
CA THR E 30 9.14 -13.27 -27.87
C THR E 30 8.73 -14.68 -28.33
N ASN E 31 9.72 -15.50 -28.68
CA ASN E 31 9.46 -16.89 -29.07
C ASN E 31 10.69 -17.76 -28.82
N MET E 32 11.10 -17.83 -27.56
CA MET E 32 12.26 -18.62 -27.16
C MET E 32 11.99 -20.12 -27.30
N ASN E 33 12.88 -20.79 -28.04
CA ASN E 33 12.77 -22.21 -28.42
C ASN E 33 11.86 -22.50 -29.63
N ASN E 34 11.24 -21.45 -30.17
N ASN E 34 11.26 -21.45 -30.19
CA ASN E 34 10.41 -21.53 -31.38
CA ASN E 34 10.42 -21.57 -31.39
C ASN E 34 9.30 -22.60 -31.36
C ASN E 34 9.39 -22.69 -31.31
N ASN E 35 8.62 -22.72 -30.23
CA ASN E 35 7.56 -23.70 -30.06
C ASN E 35 6.17 -23.11 -30.33
N TYR E 36 6.13 -21.80 -30.52
CA TYR E 36 4.91 -21.12 -30.95
C TYR E 36 5.00 -20.83 -32.45
N GLU E 37 3.90 -21.06 -33.14
CA GLU E 37 3.82 -20.82 -34.59
C GLU E 37 2.90 -19.64 -34.90
N PRO E 38 3.49 -18.44 -35.20
CA PRO E 38 2.68 -17.25 -35.47
C PRO E 38 1.84 -17.33 -36.75
N ARG E 39 2.12 -18.31 -37.61
CA ARG E 39 1.30 -18.50 -38.82
C ARG E 39 -0.06 -19.12 -38.51
N SER E 40 -0.17 -19.79 -37.36
CA SER E 40 -1.42 -20.45 -36.98
C SER E 40 -2.01 -19.90 -35.67
N GLY E 41 -1.15 -19.56 -34.72
CA GLY E 41 -1.58 -19.17 -33.38
C GLY E 41 -1.47 -20.31 -32.38
N LYS E 42 -0.88 -21.43 -32.81
CA LYS E 42 -0.76 -22.60 -31.96
C LYS E 42 0.63 -22.76 -31.34
N PHE E 43 0.62 -23.08 -30.05
CA PHE E 43 1.82 -23.55 -29.37
C PHE E 43 1.81 -25.07 -29.45
N THR E 44 2.95 -25.66 -29.83
CA THR E 44 3.07 -27.11 -29.83
C THR E 44 4.17 -27.56 -28.87
N CYS E 45 3.79 -28.35 -27.88
CA CYS E 45 4.70 -28.82 -26.84
C CYS E 45 5.73 -29.83 -27.37
N LYS E 46 7.01 -29.46 -27.25
CA LYS E 46 8.12 -30.35 -27.58
C LYS E 46 8.81 -30.86 -26.31
N VAL E 47 8.71 -30.09 -25.24
CA VAL E 47 9.25 -30.48 -23.94
C VAL E 47 8.10 -30.60 -22.94
N PRO E 48 7.73 -31.83 -22.57
CA PRO E 48 6.64 -32.01 -21.60
C PRO E 48 6.95 -31.37 -20.26
N GLY E 49 5.92 -30.87 -19.59
CA GLY E 49 6.10 -30.23 -18.30
C GLY E 49 4.98 -29.26 -18.00
N LEU E 50 5.20 -28.45 -16.96
CA LEU E 50 4.23 -27.47 -16.50
C LEU E 50 4.43 -26.14 -17.20
N TYR E 51 3.34 -25.61 -17.73
CA TYR E 51 3.35 -24.34 -18.45
C TYR E 51 2.25 -23.43 -17.90
N TYR E 52 2.49 -22.13 -17.97
CA TYR E 52 1.43 -21.15 -17.74
C TYR E 52 1.11 -20.45 -19.05
N PHE E 53 -0.17 -20.43 -19.39
CA PHE E 53 -0.67 -19.72 -20.56
C PHE E 53 -1.56 -18.59 -20.11
N THR E 54 -1.55 -17.50 -20.87
CA THR E 54 -2.26 -16.30 -20.48
C THR E 54 -2.52 -15.43 -21.71
N TYR E 55 -3.57 -14.62 -21.64
CA TYR E 55 -3.86 -13.66 -22.70
C TYR E 55 -4.52 -12.41 -22.16
N HIS E 56 -4.39 -11.33 -22.92
CA HIS E 56 -5.16 -10.13 -22.69
C HIS E 56 -5.74 -9.73 -24.02
N ALA E 57 -7.06 -9.56 -24.06
CA ALA E 57 -7.75 -9.27 -25.30
C ALA E 57 -8.50 -7.96 -25.21
N SER E 58 -8.20 -7.05 -26.14
CA SER E 58 -8.99 -5.83 -26.32
C SER E 58 -10.22 -6.14 -27.15
N SER E 59 -11.30 -5.40 -26.90
CA SER E 59 -12.61 -5.75 -27.44
C SER E 59 -13.58 -4.56 -27.38
N ARG E 60 -14.54 -4.56 -28.30
CA ARG E 60 -15.57 -3.53 -28.43
C ARG E 60 -16.97 -4.07 -28.19
N GLY E 61 -17.06 -5.33 -27.82
CA GLY E 61 -18.35 -5.99 -27.65
C GLY E 61 -18.16 -7.34 -27.00
N ASN E 62 -19.13 -8.21 -27.16
CA ASN E 62 -19.09 -9.52 -26.49
C ASN E 62 -18.02 -10.44 -27.04
N LEU E 63 -17.21 -10.98 -26.13
CA LEU E 63 -16.14 -11.90 -26.49
C LEU E 63 -16.13 -13.13 -25.61
N CYS E 64 -16.20 -14.30 -26.24
CA CYS E 64 -15.91 -15.58 -25.59
C CYS E 64 -14.82 -16.29 -26.38
N VAL E 65 -13.88 -16.88 -25.66
N VAL E 65 -13.90 -16.92 -25.65
CA VAL E 65 -12.83 -17.67 -26.29
CA VAL E 65 -12.76 -17.64 -26.24
C VAL E 65 -12.68 -19.00 -25.55
C VAL E 65 -12.57 -18.98 -25.53
N ASN E 66 -12.36 -20.05 -26.31
CA ASN E 66 -12.06 -21.36 -25.75
C ASN E 66 -10.55 -21.56 -25.69
N LEU E 67 -10.06 -21.97 -24.52
CA LEU E 67 -8.67 -22.42 -24.40
C LEU E 67 -8.64 -23.91 -24.71
N MET E 68 -7.83 -24.27 -25.71
CA MET E 68 -7.75 -25.65 -26.21
C MET E 68 -6.40 -26.28 -25.91
N ARG E 69 -6.43 -27.59 -25.67
CA ARG E 69 -5.22 -28.40 -25.52
C ARG E 69 -5.38 -29.70 -26.31
N GLY E 70 -4.43 -30.62 -26.17
CA GLY E 70 -4.58 -31.96 -26.74
C GLY E 70 -3.65 -32.28 -27.89
N ARG E 71 -3.15 -33.50 -27.88
CA ARG E 71 -2.25 -33.98 -28.93
C ARG E 71 -3.01 -34.68 -30.06
N GLU E 72 -3.99 -35.51 -29.68
CA GLU E 72 -4.69 -36.34 -30.66
C GLU E 72 -5.73 -35.55 -31.46
N ARG E 73 -6.27 -34.52 -30.82
CA ARG E 73 -7.32 -33.67 -31.35
C ARG E 73 -7.53 -32.58 -30.31
N ALA E 74 -8.12 -31.46 -30.72
CA ALA E 74 -8.33 -30.34 -29.81
C ALA E 74 -9.37 -30.67 -28.74
N GLN E 75 -9.02 -30.37 -27.49
CA GLN E 75 -9.92 -30.53 -26.35
C GLN E 75 -10.09 -29.19 -25.64
N LYS E 76 -11.33 -28.84 -25.35
CA LYS E 76 -11.60 -27.61 -24.60
C LYS E 76 -11.21 -27.77 -23.13
N VAL E 77 -10.46 -26.79 -22.62
CA VAL E 77 -10.13 -26.74 -21.19
C VAL E 77 -11.17 -25.88 -20.47
N VAL E 78 -11.31 -24.64 -20.92
CA VAL E 78 -12.25 -23.68 -20.39
C VAL E 78 -12.74 -22.75 -21.49
N THR E 79 -13.81 -22.02 -21.20
CA THR E 79 -14.24 -20.90 -22.01
C THR E 79 -14.22 -19.66 -21.12
N PHE E 80 -13.60 -18.59 -21.61
CA PHE E 80 -13.65 -17.29 -20.94
C PHE E 80 -14.54 -16.35 -21.73
N CYS E 81 -15.53 -15.75 -21.05
CA CYS E 81 -16.39 -14.74 -21.66
C CYS E 81 -16.28 -13.42 -20.90
N ASP E 82 -16.30 -12.32 -21.65
CA ASP E 82 -16.36 -10.99 -21.05
C ASP E 82 -17.16 -10.11 -22.00
N TYR E 83 -18.27 -9.58 -21.49
CA TYR E 83 -19.22 -8.85 -22.32
C TYR E 83 -19.00 -7.34 -22.20
N ALA E 84 -19.43 -6.63 -23.24
CA ALA E 84 -19.30 -5.18 -23.29
C ALA E 84 -20.40 -4.62 -24.17
N TYR E 85 -21.15 -3.66 -23.65
CA TYR E 85 -22.20 -3.01 -24.42
C TYR E 85 -21.85 -1.56 -24.72
N ASN E 86 -21.71 -1.28 -26.01
CA ASN E 86 -21.36 0.05 -26.53
C ASN E 86 -20.18 0.68 -25.80
N THR E 87 -19.10 -0.08 -25.67
CA THR E 87 -17.91 0.37 -24.95
C THR E 87 -16.64 -0.39 -25.38
N PHE E 88 -15.50 -0.03 -24.80
CA PHE E 88 -14.24 -0.71 -25.02
C PHE E 88 -13.81 -1.40 -23.73
N GLN E 89 -13.25 -2.60 -23.87
CA GLN E 89 -12.84 -3.40 -22.73
C GLN E 89 -11.52 -4.09 -22.98
N VAL E 90 -10.89 -4.51 -21.89
CA VAL E 90 -9.79 -5.47 -21.95
C VAL E 90 -10.10 -6.60 -20.98
N THR E 91 -9.98 -7.82 -21.47
CA THR E 91 -10.22 -8.98 -20.63
C THR E 91 -8.98 -9.88 -20.60
N THR E 92 -9.00 -10.84 -19.69
CA THR E 92 -7.85 -11.70 -19.48
C THR E 92 -8.26 -13.09 -19.01
N GLY E 93 -7.41 -14.07 -19.29
CA GLY E 93 -7.59 -15.43 -18.82
C GLY E 93 -6.22 -16.05 -18.67
N GLY E 94 -6.15 -17.11 -17.87
CA GLY E 94 -4.87 -17.77 -17.65
C GLY E 94 -5.09 -19.21 -17.20
N MET E 95 -4.07 -20.04 -17.36
CA MET E 95 -4.18 -21.46 -16.99
C MET E 95 -2.81 -22.11 -16.89
N VAL E 96 -2.59 -22.84 -15.80
CA VAL E 96 -1.46 -23.75 -15.68
C VAL E 96 -1.88 -25.09 -16.27
N LEU E 97 -1.08 -25.60 -17.20
CA LEU E 97 -1.33 -26.90 -17.83
C LEU E 97 -0.10 -27.77 -17.72
N LYS E 98 -0.30 -29.04 -17.39
CA LYS E 98 0.77 -30.03 -17.44
C LYS E 98 0.70 -30.72 -18.80
N LEU E 99 1.52 -30.24 -19.73
CA LEU E 99 1.45 -30.67 -21.12
C LEU E 99 2.24 -31.92 -21.39
N GLU E 100 1.67 -32.78 -22.22
CA GLU E 100 2.37 -33.95 -22.73
C GLU E 100 2.93 -33.63 -24.11
N GLN E 101 3.88 -34.45 -24.55
CA GLN E 101 4.50 -34.29 -25.86
C GLN E 101 3.45 -34.17 -26.96
N GLY E 102 3.64 -33.16 -27.82
CA GLY E 102 2.81 -33.00 -29.02
C GLY E 102 1.47 -32.31 -28.81
N GLU E 103 1.16 -31.90 -27.59
CA GLU E 103 -0.08 -31.17 -27.33
C GLU E 103 -0.03 -29.81 -28.01
N ASN E 104 -1.13 -29.42 -28.64
N ASN E 104 -1.15 -29.45 -28.65
CA ASN E 104 -1.23 -28.07 -29.23
CA ASN E 104 -1.35 -28.14 -29.23
C ASN E 104 -2.21 -27.17 -28.50
C ASN E 104 -2.18 -27.29 -28.27
N VAL E 105 -1.67 -26.11 -27.90
CA VAL E 105 -2.42 -25.18 -27.07
C VAL E 105 -2.68 -23.91 -27.85
N PHE E 106 -3.93 -23.48 -27.87
CA PHE E 106 -4.32 -22.30 -28.63
C PHE E 106 -5.66 -21.76 -28.14
N LEU E 107 -6.00 -20.57 -28.62
CA LEU E 107 -7.27 -19.95 -28.35
C LEU E 107 -8.17 -20.10 -29.57
N GLN E 108 -9.45 -20.40 -29.31
CA GLN E 108 -10.41 -20.70 -30.35
C GLN E 108 -11.60 -19.76 -30.26
N ALA E 109 -12.00 -19.21 -31.42
CA ALA E 109 -13.10 -18.25 -31.49
C ALA E 109 -14.47 -18.89 -31.32
N THR E 110 -15.43 -18.07 -30.90
CA THR E 110 -16.83 -18.47 -30.75
C THR E 110 -17.71 -17.47 -31.52
N ASP E 111 -19.02 -17.59 -31.37
CA ASP E 111 -19.98 -16.65 -31.96
C ASP E 111 -19.80 -15.23 -31.40
N LYS E 112 -19.29 -15.14 -30.18
CA LYS E 112 -18.96 -13.86 -29.55
C LYS E 112 -17.51 -13.53 -29.92
N ASN E 113 -17.36 -12.76 -31.00
CA ASN E 113 -16.09 -12.64 -31.69
C ASN E 113 -15.51 -11.22 -31.73
N SER E 114 -15.95 -10.35 -30.83
CA SER E 114 -15.45 -8.98 -30.79
C SER E 114 -14.03 -8.94 -30.23
N LEU E 115 -13.05 -8.89 -31.13
N LEU E 115 -13.05 -8.90 -31.13
CA LEU E 115 -11.64 -8.92 -30.75
CA LEU E 115 -11.64 -8.91 -30.76
C LEU E 115 -10.85 -7.88 -31.55
C LEU E 115 -10.86 -7.86 -31.55
N LEU E 116 -10.19 -6.97 -30.82
CA LEU E 116 -9.37 -5.91 -31.41
C LEU E 116 -7.89 -6.20 -31.30
N GLY E 117 -7.13 -5.88 -32.34
CA GLY E 117 -5.68 -6.01 -32.30
C GLY E 117 -5.02 -4.91 -33.09
N MET E 118 -4.52 -3.91 -32.38
CA MET E 118 -3.98 -2.70 -32.99
C MET E 118 -3.08 -1.99 -32.00
N GLU E 119 -2.21 -1.12 -32.52
CA GLU E 119 -1.45 -0.21 -31.67
C GLU E 119 -2.46 0.65 -30.90
N GLY E 120 -2.32 0.68 -29.58
CA GLY E 120 -3.24 1.43 -28.74
C GLY E 120 -4.40 0.63 -28.17
N ALA E 121 -4.60 -0.59 -28.67
CA ALA E 121 -5.57 -1.54 -28.12
C ALA E 121 -5.16 -2.94 -28.55
N ASN E 122 -4.16 -3.49 -27.87
N ASN E 122 -4.16 -3.48 -27.88
CA ASN E 122 -3.56 -4.75 -28.27
CA ASN E 122 -3.55 -4.76 -28.25
C ASN E 122 -4.30 -5.98 -27.77
C ASN E 122 -4.30 -5.98 -27.77
N SER E 123 -4.07 -7.10 -28.44
CA SER E 123 -4.47 -8.41 -27.94
C SER E 123 -3.23 -9.29 -27.99
N ILE E 124 -2.96 -10.00 -26.90
CA ILE E 124 -1.71 -10.73 -26.75
C ILE E 124 -1.98 -12.12 -26.17
N PHE E 125 -1.18 -13.09 -26.62
CA PHE E 125 -1.22 -14.47 -26.14
C PHE E 125 0.21 -14.83 -25.76
N SER E 126 0.36 -15.38 -24.56
CA SER E 126 1.68 -15.70 -24.01
C SER E 126 1.67 -17.06 -23.32
N GLY E 127 2.85 -17.67 -23.23
CA GLY E 127 3.01 -18.89 -22.46
C GLY E 127 4.46 -19.12 -22.12
N PHE E 128 4.70 -19.81 -21.01
CA PHE E 128 6.06 -20.13 -20.61
C PHE E 128 6.16 -21.42 -19.83
N LEU E 129 7.29 -22.10 -20.00
CA LEU E 129 7.61 -23.29 -19.22
C LEU E 129 7.94 -22.91 -17.78
N LEU E 130 7.32 -23.62 -16.84
CA LEU E 130 7.59 -23.47 -15.41
C LEU E 130 8.60 -24.53 -14.95
N PHE E 131 8.30 -25.79 -15.24
CA PHE E 131 9.11 -26.93 -14.81
C PHE E 131 9.03 -28.02 -15.87
N PRO E 132 10.18 -28.39 -16.46
CA PRO E 132 10.19 -29.50 -17.42
C PRO E 132 10.14 -30.85 -16.71
N ASP E 133 9.18 -31.69 -17.09
CA ASP E 133 9.04 -33.05 -16.58
C ASP E 133 7.83 -33.74 -17.18
N MET E 134 6.67 -33.37 -16.94
N LYS F 3 20.75 -12.24 -4.84
CA LYS F 3 20.89 -11.25 -5.95
C LYS F 3 21.01 -11.90 -7.34
N PHE F 4 20.82 -13.21 -7.41
CA PHE F 4 20.85 -13.94 -8.70
C PHE F 4 19.44 -14.18 -9.28
N GLN F 5 18.42 -13.72 -8.55
CA GLN F 5 17.04 -13.79 -9.00
C GLN F 5 16.48 -12.38 -9.20
N SER F 6 15.23 -12.27 -9.63
CA SER F 6 14.55 -10.98 -9.73
C SER F 6 13.06 -11.13 -9.62
N VAL F 7 12.46 -10.47 -8.62
N VAL F 7 12.46 -10.50 -8.60
CA VAL F 7 11.02 -10.51 -8.43
CA VAL F 7 11.01 -10.52 -8.40
C VAL F 7 10.54 -9.23 -7.75
C VAL F 7 10.55 -9.20 -7.78
N PHE F 8 9.35 -8.76 -8.14
CA PHE F 8 8.68 -7.66 -7.46
C PHE F 8 7.18 -7.70 -7.64
N THR F 9 6.47 -7.24 -6.62
CA THR F 9 5.10 -6.78 -6.75
C THR F 9 5.03 -5.44 -6.03
N VAL F 10 4.62 -4.42 -6.78
CA VAL F 10 4.48 -3.07 -6.25
C VAL F 10 3.04 -2.63 -6.46
N THR F 11 2.62 -1.63 -5.69
N THR F 11 2.62 -1.63 -5.67
CA THR F 11 1.23 -1.17 -5.72
CA THR F 11 1.25 -1.15 -5.71
C THR F 11 1.17 0.34 -5.66
C THR F 11 1.23 0.36 -5.77
N ARG F 12 0.07 0.91 -6.16
CA ARG F 12 -0.10 2.35 -6.20
C ARG F 12 -1.06 2.74 -5.10
N GLN F 13 -0.51 3.18 -3.97
CA GLN F 13 -1.30 3.55 -2.81
C GLN F 13 -1.48 5.05 -2.74
N THR F 14 -2.56 5.49 -3.36
CA THR F 14 -2.98 6.89 -3.40
C THR F 14 -4.35 6.97 -4.05
N HIS F 15 -5.12 7.97 -3.64
CA HIS F 15 -6.46 8.16 -4.16
C HIS F 15 -6.44 9.12 -5.35
N GLN F 16 -5.28 9.71 -5.63
CA GLN F 16 -5.13 10.63 -6.75
C GLN F 16 -4.52 9.91 -7.95
N PRO F 17 -5.13 10.06 -9.13
CA PRO F 17 -4.67 9.38 -10.33
C PRO F 17 -3.36 9.95 -10.87
N PRO F 18 -2.70 9.23 -11.79
CA PRO F 18 -1.51 9.79 -12.43
C PRO F 18 -1.86 11.01 -13.28
N ALA F 19 -0.86 11.84 -13.55
CA ALA F 19 -1.01 12.90 -14.54
C ALA F 19 -1.25 12.28 -15.93
N PRO F 20 -2.03 12.96 -16.78
CA PRO F 20 -2.22 12.49 -18.16
C PRO F 20 -0.86 12.35 -18.85
N ASN F 21 -0.71 11.34 -19.72
CA ASN F 21 0.50 11.19 -20.53
C ASN F 21 1.78 11.17 -19.71
N SER F 22 1.77 10.36 -18.65
CA SER F 22 2.89 10.28 -17.73
C SER F 22 3.17 8.85 -17.31
N LEU F 23 4.38 8.63 -16.80
CA LEU F 23 4.78 7.37 -16.18
C LEU F 23 3.95 7.14 -14.91
N ILE F 24 3.47 5.91 -14.74
CA ILE F 24 2.73 5.53 -13.55
C ILE F 24 3.69 5.10 -12.45
N ARG F 25 3.70 5.84 -11.35
CA ARG F 25 4.51 5.47 -10.20
C ARG F 25 3.74 4.55 -9.26
N PHE F 26 4.37 3.41 -8.95
CA PHE F 26 3.88 2.52 -7.91
C PHE F 26 4.74 2.78 -6.69
N ASN F 27 4.14 3.42 -5.68
CA ASN F 27 4.88 3.96 -4.54
C ASN F 27 5.08 2.98 -3.39
N ALA F 28 4.30 1.91 -3.36
CA ALA F 28 4.38 0.96 -2.26
C ALA F 28 4.84 -0.41 -2.73
N VAL F 29 5.50 -1.13 -1.85
CA VAL F 29 6.09 -2.43 -2.16
C VAL F 29 5.42 -3.54 -1.36
N LEU F 30 4.99 -4.59 -2.05
CA LEU F 30 4.62 -5.84 -1.38
C LEU F 30 5.83 -6.74 -1.25
N THR F 31 6.59 -6.88 -2.34
CA THR F 31 7.89 -7.54 -2.30
C THR F 31 8.79 -6.97 -3.41
N ASN F 32 10.08 -6.82 -3.11
CA ASN F 32 11.03 -6.21 -4.06
C ASN F 32 12.44 -6.49 -3.56
N PRO F 33 12.78 -7.78 -3.34
CA PRO F 33 14.01 -8.09 -2.58
C PRO F 33 15.32 -7.61 -3.21
N GLN F 34 15.37 -7.48 -4.52
CA GLN F 34 16.59 -7.05 -5.23
C GLN F 34 16.60 -5.55 -5.50
N GLY F 35 15.50 -4.88 -5.16
CA GLY F 35 15.34 -3.46 -5.42
C GLY F 35 15.26 -3.14 -6.91
N ASP F 36 14.87 -4.12 -7.71
CA ASP F 36 14.83 -3.95 -9.17
C ASP F 36 13.78 -2.94 -9.64
N TYR F 37 12.66 -2.86 -8.93
CA TYR F 37 11.74 -1.75 -9.14
C TYR F 37 12.12 -0.61 -8.18
N ASP F 38 12.26 0.60 -8.73
CA ASP F 38 12.63 1.76 -7.94
C ASP F 38 11.39 2.63 -7.73
N THR F 39 10.88 2.67 -6.50
CA THR F 39 9.66 3.43 -6.22
C THR F 39 9.82 4.96 -6.30
N SER F 40 11.06 5.43 -6.29
N SER F 40 11.06 5.43 -6.29
CA SER F 40 11.35 6.86 -6.40
CA SER F 40 11.30 6.87 -6.40
C SER F 40 11.30 7.35 -7.85
C SER F 40 11.22 7.33 -7.86
N THR F 41 11.58 6.45 -8.80
CA THR F 41 11.53 6.77 -10.23
C THR F 41 10.34 6.13 -10.96
N GLY F 42 9.79 5.07 -10.38
CA GLY F 42 8.71 4.33 -11.04
C GLY F 42 9.18 3.40 -12.14
N LYS F 43 10.48 3.09 -12.19
CA LYS F 43 11.02 2.21 -13.21
C LYS F 43 11.63 0.94 -12.65
N PHE F 44 11.46 -0.14 -13.39
CA PHE F 44 12.24 -1.35 -13.22
C PHE F 44 13.52 -1.18 -14.04
N THR F 45 14.66 -1.57 -13.47
CA THR F 45 15.93 -1.62 -14.21
C THR F 45 16.53 -3.01 -14.04
N CYS F 46 16.83 -3.65 -15.17
CA CYS F 46 17.37 -5.00 -15.17
C CYS F 46 18.77 -5.08 -14.57
N LYS F 47 18.92 -5.92 -13.55
CA LYS F 47 20.22 -6.29 -13.01
C LYS F 47 20.69 -7.64 -13.57
N VAL F 48 19.78 -8.62 -13.56
CA VAL F 48 20.10 -9.97 -14.04
C VAL F 48 19.47 -10.18 -15.40
N PRO F 49 20.30 -10.35 -16.45
CA PRO F 49 19.75 -10.47 -17.80
C PRO F 49 19.02 -11.80 -17.99
N GLY F 50 17.97 -11.78 -18.80
CA GLY F 50 17.20 -12.99 -19.09
C GLY F 50 15.75 -12.71 -19.43
N LEU F 51 14.94 -13.77 -19.44
CA LEU F 51 13.54 -13.65 -19.80
C LEU F 51 12.66 -13.33 -18.59
N TYR F 52 11.89 -12.25 -18.70
CA TYR F 52 11.02 -11.74 -17.62
C TYR F 52 9.56 -11.82 -18.02
N TYR F 53 8.71 -12.05 -17.03
CA TYR F 53 7.28 -11.83 -17.17
C TYR F 53 6.91 -10.56 -16.43
N PHE F 54 6.14 -9.70 -17.09
CA PHE F 54 5.59 -8.47 -16.51
C PHE F 54 4.08 -8.51 -16.64
N VAL F 55 3.38 -8.11 -15.58
CA VAL F 55 1.93 -8.15 -15.58
C VAL F 55 1.38 -7.10 -14.61
N TYR F 56 0.25 -6.52 -14.93
CA TYR F 56 -0.39 -5.55 -14.03
C TYR F 56 -1.90 -5.76 -14.00
N HIS F 57 -2.51 -5.28 -12.92
CA HIS F 57 -3.96 -5.23 -12.77
C HIS F 57 -4.26 -3.88 -12.12
N ALA F 58 -4.94 -3.01 -12.86
CA ALA F 58 -5.17 -1.65 -12.42
C ALA F 58 -6.67 -1.34 -12.33
N SER F 59 -7.08 -0.84 -11.17
CA SER F 59 -8.49 -0.51 -10.92
C SER F 59 -8.80 0.90 -11.37
N HIS F 60 -9.99 1.10 -11.92
CA HIS F 60 -10.36 2.40 -12.47
C HIS F 60 -11.86 2.61 -12.50
N THR F 61 -12.28 3.86 -12.36
CA THR F 61 -13.69 4.24 -12.40
C THR F 61 -14.00 5.27 -13.50
N ALA F 62 -13.00 5.52 -14.34
CA ALA F 62 -13.17 6.26 -15.60
C ALA F 62 -12.21 5.64 -16.61
N ASN F 63 -12.15 6.15 -17.83
CA ASN F 63 -11.35 5.51 -18.87
C ASN F 63 -9.87 5.40 -18.48
N LEU F 64 -9.27 4.25 -18.76
CA LEU F 64 -7.85 4.03 -18.48
C LEU F 64 -7.19 3.22 -19.57
N CYS F 65 -6.10 3.77 -20.12
CA CYS F 65 -5.18 3.01 -20.96
C CYS F 65 -3.83 2.90 -20.25
N VAL F 66 -3.30 1.68 -20.19
CA VAL F 66 -1.97 1.44 -19.63
C VAL F 66 -1.05 0.99 -20.76
N LEU F 67 0.11 1.63 -20.83
CA LEU F 67 1.13 1.39 -21.85
C LEU F 67 2.36 0.83 -21.16
N LEU F 68 2.92 -0.26 -21.68
CA LEU F 68 4.16 -0.80 -21.13
C LEU F 68 5.31 -0.42 -22.05
N TYR F 69 6.34 0.19 -21.47
CA TYR F 69 7.53 0.62 -22.19
C TYR F 69 8.75 -0.22 -21.83
N ARG F 70 9.58 -0.48 -22.85
CA ARG F 70 10.87 -1.14 -22.66
C ARG F 70 11.91 -0.26 -23.33
N SER F 71 12.85 0.24 -22.53
CA SER F 71 13.96 1.05 -23.04
C SER F 71 13.48 2.11 -24.05
N GLY F 72 12.40 2.80 -23.70
CA GLY F 72 11.90 3.94 -24.47
C GLY F 72 10.96 3.60 -25.61
N VAL F 73 10.64 2.33 -25.81
CA VAL F 73 9.75 1.90 -26.87
C VAL F 73 8.47 1.32 -26.27
N LYS F 74 7.33 1.74 -26.82
CA LYS F 74 6.02 1.26 -26.38
C LYS F 74 5.83 -0.18 -26.89
N VAL F 75 5.65 -1.11 -25.95
CA VAL F 75 5.53 -2.53 -26.29
C VAL F 75 4.09 -2.93 -26.51
N VAL F 76 3.24 -2.67 -25.51
CA VAL F 76 1.82 -3.00 -25.58
C VAL F 76 0.98 -1.93 -24.87
N THR F 77 -0.29 -1.83 -25.28
CA THR F 77 -1.26 -0.89 -24.69
C THR F 77 -2.58 -1.62 -24.51
N PHE F 78 -3.19 -1.47 -23.34
CA PHE F 78 -4.53 -2.01 -23.10
C PHE F 78 -5.41 -0.96 -22.47
N CYS F 79 -6.63 -0.85 -22.98
CA CYS F 79 -7.58 0.17 -22.54
C CYS F 79 -8.89 -0.43 -22.06
N GLY F 80 -9.45 0.18 -21.03
CA GLY F 80 -10.77 -0.16 -20.55
C GLY F 80 -11.57 1.11 -20.32
N HIS F 81 -12.81 1.12 -20.82
CA HIS F 81 -13.68 2.27 -20.66
C HIS F 81 -14.77 1.96 -19.66
N THR F 82 -15.01 2.90 -18.76
CA THR F 82 -16.06 2.75 -17.77
C THR F 82 -16.57 4.12 -17.34
N SER F 83 -17.82 4.14 -16.88
CA SER F 83 -18.43 5.33 -16.35
C SER F 83 -18.91 5.07 -14.93
N LYS F 84 -18.26 5.74 -13.98
CA LYS F 84 -18.61 5.70 -12.55
C LYS F 84 -18.26 4.38 -11.87
N THR F 85 -18.67 3.26 -12.45
CA THR F 85 -18.45 1.95 -11.84
C THR F 85 -17.01 1.46 -12.05
N ASN F 86 -16.61 0.47 -11.25
CA ASN F 86 -15.22 0.06 -11.13
C ASN F 86 -14.92 -1.17 -11.97
N GLN F 87 -13.80 -1.16 -12.68
CA GLN F 87 -13.32 -2.32 -13.42
C GLN F 87 -11.81 -2.45 -13.27
N VAL F 88 -11.28 -3.58 -13.71
CA VAL F 88 -9.84 -3.85 -13.67
C VAL F 88 -9.27 -3.96 -15.07
N ASN F 89 -8.30 -3.11 -15.39
CA ASN F 89 -7.55 -3.15 -16.63
C ASN F 89 -6.31 -4.01 -16.39
N SER F 90 -6.12 -5.04 -17.20
CA SER F 90 -4.98 -5.93 -17.05
C SER F 90 -4.17 -6.03 -18.35
N GLY F 91 -2.89 -6.30 -18.20
CA GLY F 91 -2.00 -6.46 -19.35
C GLY F 91 -0.72 -7.13 -18.89
N GLY F 92 0.01 -7.70 -19.85
CA GLY F 92 1.25 -8.39 -19.52
C GLY F 92 1.97 -8.86 -20.76
N VAL F 93 3.24 -9.20 -20.59
CA VAL F 93 4.11 -9.56 -21.71
C VAL F 93 5.39 -10.22 -21.20
N LEU F 94 5.98 -11.07 -22.03
CA LEU F 94 7.27 -11.70 -21.76
C LEU F 94 8.35 -10.99 -22.58
N LEU F 95 9.44 -10.60 -21.91
CA LEU F 95 10.53 -9.85 -22.54
C LEU F 95 11.90 -10.38 -22.12
N ARG F 96 12.78 -10.58 -23.10
CA ARG F 96 14.16 -10.97 -22.82
C ARG F 96 15.01 -9.70 -22.74
N LEU F 97 15.47 -9.38 -21.54
CA LEU F 97 16.13 -8.11 -21.25
C LEU F 97 17.63 -8.24 -21.05
N GLN F 98 18.35 -7.20 -21.46
CA GLN F 98 19.78 -7.03 -21.17
C GLN F 98 19.99 -6.19 -19.92
N VAL F 99 21.16 -6.31 -19.30
CA VAL F 99 21.52 -5.50 -18.14
C VAL F 99 21.33 -4.01 -18.42
N GLY F 100 20.64 -3.33 -17.51
CA GLY F 100 20.48 -1.87 -17.59
C GLY F 100 19.22 -1.42 -18.28
N GLU F 101 18.52 -2.34 -18.93
CA GLU F 101 17.27 -1.99 -19.61
C GLU F 101 16.18 -1.61 -18.61
N GLU F 102 15.42 -0.59 -18.97
CA GLU F 102 14.34 -0.08 -18.14
C GLU F 102 12.97 -0.53 -18.65
N VAL F 103 12.09 -0.88 -17.71
CA VAL F 103 10.69 -1.20 -18.03
C VAL F 103 9.77 -0.38 -17.10
N TRP F 104 8.71 0.19 -17.66
CA TRP F 104 7.76 0.96 -16.85
C TRP F 104 6.37 0.98 -17.49
N LEU F 105 5.39 1.42 -16.71
CA LEU F 105 4.04 1.61 -17.20
C LEU F 105 3.73 3.10 -17.29
N ALA F 106 2.87 3.46 -18.24
CA ALA F 106 2.46 4.84 -18.44
C ALA F 106 0.98 4.90 -18.80
N VAL F 107 0.40 6.10 -18.68
CA VAL F 107 -0.97 6.35 -19.14
C VAL F 107 -0.92 7.32 -20.31
N ASN F 108 -1.98 7.35 -21.10
CA ASN F 108 -2.13 8.38 -22.15
C ASN F 108 -3.14 9.43 -21.69
N ASP F 109 -4.07 9.85 -22.56
CA ASP F 109 -5.09 10.82 -22.15
C ASP F 109 -6.19 10.16 -21.30
N TYR F 110 -6.21 8.82 -21.31
CA TYR F 110 -7.10 8.06 -20.46
C TYR F 110 -6.28 7.54 -19.27
N TYR F 111 -6.41 8.23 -18.15
CA TYR F 111 -5.41 8.15 -17.07
C TYR F 111 -5.98 7.73 -15.72
N ASP F 112 -7.28 7.39 -15.66
CA ASP F 112 -7.91 7.12 -14.38
C ASP F 112 -7.44 5.84 -13.69
N MET F 113 -6.98 5.98 -12.45
CA MET F 113 -6.66 4.82 -11.60
C MET F 113 -7.31 4.97 -10.23
N VAL F 114 -8.53 5.50 -10.24
CA VAL F 114 -9.24 5.73 -8.99
C VAL F 114 -10.18 4.56 -8.75
N GLY F 115 -9.69 3.55 -8.05
CA GLY F 115 -10.52 2.41 -7.70
C GLY F 115 -11.45 2.74 -6.55
N ILE F 116 -12.57 2.04 -6.48
CA ILE F 116 -13.44 2.12 -5.31
C ILE F 116 -12.73 1.50 -4.10
N GLN F 117 -13.30 1.71 -2.91
CA GLN F 117 -12.83 1.06 -1.70
C GLN F 117 -12.71 -0.43 -1.94
N GLY F 118 -11.51 -0.97 -1.71
CA GLY F 118 -11.27 -2.39 -1.88
C GLY F 118 -10.84 -2.82 -3.27
N SER F 119 -10.54 -1.87 -4.15
CA SER F 119 -10.06 -2.19 -5.50
C SER F 119 -8.77 -1.44 -5.78
N ASP F 120 -7.68 -2.20 -5.94
CA ASP F 120 -6.33 -1.67 -5.95
C ASP F 120 -5.65 -1.82 -7.31
N SER F 121 -4.42 -1.31 -7.40
CA SER F 121 -3.62 -1.42 -8.62
C SER F 121 -2.26 -2.00 -8.29
N VAL F 122 -1.86 -3.01 -9.05
N VAL F 122 -1.84 -2.99 -9.07
CA VAL F 122 -0.62 -3.76 -8.82
CA VAL F 122 -0.63 -3.75 -8.82
C VAL F 122 0.18 -3.92 -10.12
C VAL F 122 0.17 -3.94 -10.12
N PHE F 123 1.50 -4.02 -9.97
CA PHE F 123 2.41 -4.30 -11.09
C PHE F 123 3.43 -5.29 -10.56
N SER F 124 3.58 -6.42 -11.27
CA SER F 124 4.54 -7.45 -10.89
C SER F 124 5.48 -7.77 -12.04
N GLY F 125 6.66 -8.27 -11.69
CA GLY F 125 7.60 -8.78 -12.67
C GLY F 125 8.50 -9.82 -12.04
N PHE F 126 8.91 -10.80 -12.83
CA PHE F 126 9.89 -11.76 -12.35
C PHE F 126 10.69 -12.41 -13.46
N LEU F 127 11.93 -12.70 -13.13
CA LEU F 127 12.83 -13.44 -14.00
C LEU F 127 12.45 -14.90 -14.01
N LEU F 128 12.29 -15.44 -15.21
CA LEU F 128 11.98 -16.86 -15.41
C LEU F 128 13.21 -17.66 -15.86
N PHE F 129 13.94 -17.13 -16.85
CA PHE F 129 15.14 -17.80 -17.36
C PHE F 129 16.33 -16.84 -17.44
N PRO F 130 17.30 -16.97 -16.52
CA PRO F 130 18.50 -16.14 -16.59
C PRO F 130 19.37 -16.45 -17.82
N ASP F 131 19.98 -15.42 -18.39
CA ASP F 131 21.01 -15.60 -19.41
C ASP F 131 22.19 -14.66 -19.19
C1 NAG G . 7.75 35.24 5.83
C2 NAG G . 8.28 36.46 5.08
C3 NAG G . 7.16 37.49 5.00
C4 NAG G . 5.94 36.87 4.32
C5 NAG G . 5.60 35.46 4.83
C6 NAG G . 4.66 34.79 3.85
C7 NAG G . 10.67 36.90 5.14
C8 NAG G . 11.15 38.07 4.33
N2 NAG G . 9.47 37.02 5.71
O1 NAG G . 8.80 34.34 6.09
O3 NAG G . 7.60 38.61 4.25
O4 NAG G . 4.83 37.73 4.53
O5 NAG G . 6.75 34.64 5.03
O6 NAG G . 3.44 34.51 4.49
O7 NAG G . 11.37 35.90 5.25
CA CA H . -11.87 15.19 18.21
C2 2DR I . -1.62 -7.12 5.92
C3 2DR I . -3.01 -6.89 6.47
C4 2DR I . -3.07 -7.78 7.69
C5 2DR I . -4.48 -8.31 7.97
O1 2DR I . -0.38 -9.20 5.88
O3 2DR I . -3.12 -5.53 6.84
O4 2DR I . -2.16 -8.84 7.42
O5 2DR I . -4.46 -9.46 8.81
C1 2DR I . -1.05 -8.27 6.73
C1 NAG J . -14.61 -31.10 -5.08
C2 NAG J . -15.01 -31.78 -3.77
C3 NAG J . -13.78 -32.28 -3.02
C4 NAG J . -12.88 -33.10 -3.93
C5 NAG J . -12.57 -32.35 -5.23
C6 NAG J . -11.73 -33.20 -6.19
C7 NAG J . -17.13 -30.90 -2.94
C8 NAG J . -17.79 -31.39 -1.69
N2 NAG J . -15.79 -30.88 -2.94
O1 NAG J . -15.76 -30.77 -5.82
O3 NAG J . -14.18 -33.07 -1.92
O4 NAG J . -11.69 -33.43 -3.24
O5 NAG J . -13.79 -31.96 -5.85
O6 NAG J . -12.45 -33.50 -7.37
O7 NAG J . -17.81 -30.51 -3.90
CA CA K . -16.43 -6.48 -19.99
#